data_2P4R
# 
_entry.id   2P4R 
# 
_audit_conform.dict_name       mmcif_pdbx.dic 
_audit_conform.dict_version    5.377 
_audit_conform.dict_location   http://mmcif.pdb.org/dictionaries/ascii/mmcif_pdbx.dic 
# 
loop_
_database_2.database_id 
_database_2.database_code 
_database_2.pdbx_database_accession 
_database_2.pdbx_DOI 
PDB   2P4R         pdb_00002p4r 10.2210/pdb2p4r/pdb 
RCSB  RCSB041964   ?            ?                   
WWPDB D_1000041964 ?            ?                   
# 
loop_
_pdbx_database_related.db_name 
_pdbx_database_related.db_id 
_pdbx_database_related.details 
_pdbx_database_related.content_type 
PDB 2DF6 'Beta-pix SH3 in complex with peptide from PAK2'  unspecified 
PDB 2AK5 'Beta-pix SH3 in complex with peptide from Cbl-b' unspecified 
PDB 2G6F 'Beta-pix SH3 domain alone'                       unspecified 
# 
_pdbx_database_status.entry_id                        2P4R 
_pdbx_database_status.deposit_site                    RCSB 
_pdbx_database_status.process_site                    RCSB 
_pdbx_database_status.recvd_initial_deposition_date   2007-03-13 
_pdbx_database_status.status_code                     REL 
_pdbx_database_status.status_code_sf                  REL 
_pdbx_database_status.status_code_mr                  ? 
_pdbx_database_status.SG_entry                        ? 
_pdbx_database_status.pdb_format_compatible           Y 
_pdbx_database_status.status_code_cs                  ? 
_pdbx_database_status.status_code_nmr_data            ? 
_pdbx_database_status.methods_development_category    ? 
# 
_audit_author.name           'Min, K.C.' 
_audit_author.pdbx_ordinal   1 
# 
_citation.id                        primary 
_citation.title                     
;A novel interaction between atrophin-interacting protein 4 and beta-p21-activated kinase-interactive exchange factor is mediated by an SH3 domain.
;
_citation.journal_abbrev            J.Biol.Chem. 
_citation.journal_volume            282 
_citation.page_first                28893 
_citation.page_last                 28903 
_citation.year                      2007 
_citation.journal_id_ASTM           JBCHA3 
_citation.country                   US 
_citation.journal_id_ISSN           0021-9258 
_citation.journal_id_CSD            0071 
_citation.book_publisher            ? 
_citation.pdbx_database_id_PubMed   17652093 
_citation.pdbx_database_id_DOI      10.1074/jbc.M702678200 
# 
loop_
_citation_author.citation_id 
_citation_author.name 
_citation_author.ordinal 
_citation_author.identifier_ORCID 
primary 'Janz, J.M.'   1 ? 
primary 'Sakmar, T.P.' 2 ? 
primary 'Min, K.C.'    3 ? 
# 
_cell.entry_id           2P4R 
_cell.length_a           41.747 
_cell.length_b           41.747 
_cell.length_c           149.278 
_cell.angle_alpha        90.000 
_cell.angle_beta         90.000 
_cell.angle_gamma        120.000 
_cell.pdbx_unique_axis   ? 
_cell.Z_PDB              12 
_cell.length_a_esd       ? 
_cell.length_b_esd       ? 
_cell.length_c_esd       ? 
_cell.angle_alpha_esd    ? 
_cell.angle_beta_esd     ? 
_cell.angle_gamma_esd    ? 
# 
_symmetry.entry_id                         2P4R 
_symmetry.space_group_name_H-M             'P 61 2 2' 
_symmetry.pdbx_full_space_group_name_H-M   ? 
_symmetry.Int_Tables_number                178 
_symmetry.cell_setting                     ? 
_symmetry.space_group_name_Hall            ? 
# 
loop_
_entity.id 
_entity.type 
_entity.src_method 
_entity.pdbx_description 
_entity.formula_weight 
_entity.pdbx_number_of_molecules 
_entity.pdbx_ec 
_entity.pdbx_mutation 
_entity.pdbx_fragment 
_entity.details 
1 polymer     man 'Rho guanine nucleotide exchange factor 7'  6731.333 1  ?       ? 'Beta-PIX SH3 (10-63)' ? 
2 polymer     syn 'E3 ubiquitin-protein ligase Itchy homolog' 2698.135 1  6.3.2.- ? 'AIP4 (209-224)'       ? 
3 non-polymer syn 'SULFATE ION'                               96.063   1  ?       ? ?                      ? 
4 non-polymer syn GLYCEROL                                    92.094   1  ?       ? ?                      ? 
5 water       nat water                                       18.015   69 ?       ? ?                      ? 
# 
loop_
_entity_name_com.entity_id 
_entity_name_com.name 
1 'PAK-interacting exchange factor beta, Beta-Pix'                                     
2 'Itch, Atrophin-1-interacting protein 4, AIP4, NFE2-associated polypeptide 1, NAPP1' 
# 
loop_
_entity_poly.entity_id 
_entity_poly.type 
_entity_poly.nstd_linkage 
_entity_poly.nstd_monomer 
_entity_poly.pdbx_seq_one_letter_code 
_entity_poly.pdbx_seq_one_letter_code_can 
_entity_poly.pdbx_strand_id 
_entity_poly.pdbx_target_identifier 
1 'polypeptide(L)' no no GPLGSVVRAKFNFQQTNEDELSFSKGDVIHVTRVEEGGWWEGTHNGRTGWFPSNYVREI 
GPLGSVVRAKFNFQQTNEDELSFSKGDVIHVTRVEEGGWWEGTHNGRTGWFPSNYVREI A ? 
2 'polypeptide(L)' no no GGFKPSRPPRPSRPPPPTPRRPASV                                   GGFKPSRPPRPSRPPPPTPRRPASV T ? 
# 
loop_
_entity_poly_seq.entity_id 
_entity_poly_seq.num 
_entity_poly_seq.mon_id 
_entity_poly_seq.hetero 
1 1  GLY n 
1 2  PRO n 
1 3  LEU n 
1 4  GLY n 
1 5  SER n 
1 6  VAL n 
1 7  VAL n 
1 8  ARG n 
1 9  ALA n 
1 10 LYS n 
1 11 PHE n 
1 12 ASN n 
1 13 PHE n 
1 14 GLN n 
1 15 GLN n 
1 16 THR n 
1 17 ASN n 
1 18 GLU n 
1 19 ASP n 
1 20 GLU n 
1 21 LEU n 
1 22 SER n 
1 23 PHE n 
1 24 SER n 
1 25 LYS n 
1 26 GLY n 
1 27 ASP n 
1 28 VAL n 
1 29 ILE n 
1 30 HIS n 
1 31 VAL n 
1 32 THR n 
1 33 ARG n 
1 34 VAL n 
1 35 GLU n 
1 36 GLU n 
1 37 GLY n 
1 38 GLY n 
1 39 TRP n 
1 40 TRP n 
1 41 GLU n 
1 42 GLY n 
1 43 THR n 
1 44 HIS n 
1 45 ASN n 
1 46 GLY n 
1 47 ARG n 
1 48 THR n 
1 49 GLY n 
1 50 TRP n 
1 51 PHE n 
1 52 PRO n 
1 53 SER n 
1 54 ASN n 
1 55 TYR n 
1 56 VAL n 
1 57 ARG n 
1 58 GLU n 
1 59 ILE n 
2 1  GLY n 
2 2  GLY n 
2 3  PHE n 
2 4  LYS n 
2 5  PRO n 
2 6  SER n 
2 7  ARG n 
2 8  PRO n 
2 9  PRO n 
2 10 ARG n 
2 11 PRO n 
2 12 SER n 
2 13 ARG n 
2 14 PRO n 
2 15 PRO n 
2 16 PRO n 
2 17 PRO n 
2 18 THR n 
2 19 PRO n 
2 20 ARG n 
2 21 ARG n 
2 22 PRO n 
2 23 ALA n 
2 24 SER n 
2 25 VAL n 
# 
_entity_src_gen.entity_id                          1 
_entity_src_gen.pdbx_src_id                        1 
_entity_src_gen.pdbx_alt_source_flag               sample 
_entity_src_gen.pdbx_seq_type                      ? 
_entity_src_gen.pdbx_beg_seq_num                   ? 
_entity_src_gen.pdbx_end_seq_num                   ? 
_entity_src_gen.gene_src_common_name               'Norway rat' 
_entity_src_gen.gene_src_genus                     Rattus 
_entity_src_gen.pdbx_gene_src_gene                 Arhgef7 
_entity_src_gen.gene_src_species                   ? 
_entity_src_gen.gene_src_strain                    ? 
_entity_src_gen.gene_src_tissue                    ? 
_entity_src_gen.gene_src_tissue_fraction           ? 
_entity_src_gen.gene_src_details                   ? 
_entity_src_gen.pdbx_gene_src_fragment             ? 
_entity_src_gen.pdbx_gene_src_scientific_name      'Rattus norvegicus' 
_entity_src_gen.pdbx_gene_src_ncbi_taxonomy_id     10116 
_entity_src_gen.pdbx_gene_src_variant              ? 
_entity_src_gen.pdbx_gene_src_cell_line            ? 
_entity_src_gen.pdbx_gene_src_atcc                 ? 
_entity_src_gen.pdbx_gene_src_organ                ? 
_entity_src_gen.pdbx_gene_src_organelle            ? 
_entity_src_gen.pdbx_gene_src_cell                 ? 
_entity_src_gen.pdbx_gene_src_cellular_location    ? 
_entity_src_gen.host_org_common_name               ? 
_entity_src_gen.pdbx_host_org_scientific_name      'Escherichia coli BL21(DE3)' 
_entity_src_gen.pdbx_host_org_ncbi_taxonomy_id     469008 
_entity_src_gen.host_org_genus                     Escherichia 
_entity_src_gen.pdbx_host_org_gene                 ? 
_entity_src_gen.pdbx_host_org_organ                ? 
_entity_src_gen.host_org_species                   'Escherichia coli' 
_entity_src_gen.pdbx_host_org_tissue               ? 
_entity_src_gen.pdbx_host_org_tissue_fraction      ? 
_entity_src_gen.pdbx_host_org_strain               'BL21(DE3)' 
_entity_src_gen.pdbx_host_org_variant              ? 
_entity_src_gen.pdbx_host_org_cell_line            ? 
_entity_src_gen.pdbx_host_org_atcc                 ? 
_entity_src_gen.pdbx_host_org_culture_collection   ? 
_entity_src_gen.pdbx_host_org_cell                 ? 
_entity_src_gen.pdbx_host_org_organelle            ? 
_entity_src_gen.pdbx_host_org_cellular_location    ? 
_entity_src_gen.pdbx_host_org_vector_type          plasmid 
_entity_src_gen.pdbx_host_org_vector               ? 
_entity_src_gen.host_org_details                   ? 
_entity_src_gen.expression_system_id               ? 
_entity_src_gen.plasmid_name                       pGEX-6P1 
_entity_src_gen.plasmid_details                    ? 
_entity_src_gen.pdbx_description                   ? 
# 
_pdbx_entity_src_syn.entity_id              2 
_pdbx_entity_src_syn.pdbx_src_id            1 
_pdbx_entity_src_syn.pdbx_alt_source_flag   sample 
_pdbx_entity_src_syn.pdbx_beg_seq_num       ? 
_pdbx_entity_src_syn.pdbx_end_seq_num       ? 
_pdbx_entity_src_syn.organism_scientific    ? 
_pdbx_entity_src_syn.organism_common_name   ? 
_pdbx_entity_src_syn.ncbi_taxonomy_id       ? 
_pdbx_entity_src_syn.details                'Chemically synthesized. Occurs naturally in humans (homo sapien).' 
# 
loop_
_struct_ref.id 
_struct_ref.db_name 
_struct_ref.db_code 
_struct_ref.pdbx_db_accession 
_struct_ref.entity_id 
_struct_ref.pdbx_seq_one_letter_code 
_struct_ref.pdbx_align_begin 
_struct_ref.pdbx_db_isoform 
1 UNP ARHG7_RAT  O55043 1 VVRAKFNFQQTNEDELSFSKGDVIHVTRVEEGGWWEGTHNGRTGWFPSNYVREI 10  ? 
2 UNP ITCH_HUMAN Q96J02 2 GGFKPSRPPRPSRPPPPTPRRPASV                              246 ? 
# 
loop_
_struct_ref_seq.align_id 
_struct_ref_seq.ref_id 
_struct_ref_seq.pdbx_PDB_id_code 
_struct_ref_seq.pdbx_strand_id 
_struct_ref_seq.seq_align_beg 
_struct_ref_seq.pdbx_seq_align_beg_ins_code 
_struct_ref_seq.seq_align_end 
_struct_ref_seq.pdbx_seq_align_end_ins_code 
_struct_ref_seq.pdbx_db_accession 
_struct_ref_seq.db_align_beg 
_struct_ref_seq.pdbx_db_align_beg_ins_code 
_struct_ref_seq.db_align_end 
_struct_ref_seq.pdbx_db_align_end_ins_code 
_struct_ref_seq.pdbx_auth_seq_align_beg 
_struct_ref_seq.pdbx_auth_seq_align_end 
1 1 2P4R A 6 ? 59 ? O55043 10  ? 63  ? 10  63  
2 2 2P4R T 1 ? 25 ? Q96J02 246 ? 270 ? 205 229 
# 
loop_
_struct_ref_seq_dif.align_id 
_struct_ref_seq_dif.pdbx_pdb_id_code 
_struct_ref_seq_dif.mon_id 
_struct_ref_seq_dif.pdbx_pdb_strand_id 
_struct_ref_seq_dif.seq_num 
_struct_ref_seq_dif.pdbx_pdb_ins_code 
_struct_ref_seq_dif.pdbx_seq_db_name 
_struct_ref_seq_dif.pdbx_seq_db_accession_code 
_struct_ref_seq_dif.db_mon_id 
_struct_ref_seq_dif.pdbx_seq_db_seq_num 
_struct_ref_seq_dif.details 
_struct_ref_seq_dif.pdbx_auth_seq_num 
_struct_ref_seq_dif.pdbx_ordinal 
1 2P4R GLY A 1 ? UNP O55043 ? ? 'cloning artifact' 5 1 
1 2P4R PRO A 2 ? UNP O55043 ? ? 'cloning artifact' 6 2 
1 2P4R LEU A 3 ? UNP O55043 ? ? 'cloning artifact' 7 3 
1 2P4R GLY A 4 ? UNP O55043 ? ? 'cloning artifact' 8 4 
1 2P4R SER A 5 ? UNP O55043 ? ? 'cloning artifact' 9 5 
# 
loop_
_chem_comp.id 
_chem_comp.type 
_chem_comp.mon_nstd_flag 
_chem_comp.name 
_chem_comp.pdbx_synonyms 
_chem_comp.formula 
_chem_comp.formula_weight 
ALA 'L-peptide linking' y ALANINE         ?                               'C3 H7 N O2'     89.093  
ARG 'L-peptide linking' y ARGININE        ?                               'C6 H15 N4 O2 1' 175.209 
ASN 'L-peptide linking' y ASPARAGINE      ?                               'C4 H8 N2 O3'    132.118 
ASP 'L-peptide linking' y 'ASPARTIC ACID' ?                               'C4 H7 N O4'     133.103 
GLN 'L-peptide linking' y GLUTAMINE       ?                               'C5 H10 N2 O3'   146.144 
GLU 'L-peptide linking' y 'GLUTAMIC ACID' ?                               'C5 H9 N O4'     147.129 
GLY 'peptide linking'   y GLYCINE         ?                               'C2 H5 N O2'     75.067  
GOL non-polymer         . GLYCEROL        'GLYCERIN; PROPANE-1,2,3-TRIOL' 'C3 H8 O3'       92.094  
HIS 'L-peptide linking' y HISTIDINE       ?                               'C6 H10 N3 O2 1' 156.162 
HOH non-polymer         . WATER           ?                               'H2 O'           18.015  
ILE 'L-peptide linking' y ISOLEUCINE      ?                               'C6 H13 N O2'    131.173 
LEU 'L-peptide linking' y LEUCINE         ?                               'C6 H13 N O2'    131.173 
LYS 'L-peptide linking' y LYSINE          ?                               'C6 H15 N2 O2 1' 147.195 
PHE 'L-peptide linking' y PHENYLALANINE   ?                               'C9 H11 N O2'    165.189 
PRO 'L-peptide linking' y PROLINE         ?                               'C5 H9 N O2'     115.130 
SER 'L-peptide linking' y SERINE          ?                               'C3 H7 N O3'     105.093 
SO4 non-polymer         . 'SULFATE ION'   ?                               'O4 S -2'        96.063  
THR 'L-peptide linking' y THREONINE       ?                               'C4 H9 N O3'     119.119 
TRP 'L-peptide linking' y TRYPTOPHAN      ?                               'C11 H12 N2 O2'  204.225 
TYR 'L-peptide linking' y TYROSINE        ?                               'C9 H11 N O3'    181.189 
VAL 'L-peptide linking' y VALINE          ?                               'C5 H11 N O2'    117.146 
# 
_exptl.crystals_number   1 
_exptl.entry_id          2P4R 
_exptl.method            'X-RAY DIFFRACTION' 
# 
_exptl_crystal.id                    1 
_exptl_crystal.density_Matthews      1.99 
_exptl_crystal.density_meas          ? 
_exptl_crystal.density_percent_sol   38.4 
_exptl_crystal.description           ? 
_exptl_crystal.F_000                 ? 
_exptl_crystal.preparation           ? 
# 
_exptl_crystal_grow.crystal_id      1 
_exptl_crystal_grow.method          'VAPOR DIFFUSION, HANGING DROP' 
_exptl_crystal_grow.pH              ? 
_exptl_crystal_grow.temp            293 
_exptl_crystal_grow.temp_details    ? 
_exptl_crystal_grow.pdbx_details    
'0.1 M TrisHCl, 0.2 M ammonium sulfate, 32-38% (w/v) PEG-MME 5000, pH 7.1-7.9, VAPOR DIFFUSION, HANGING DROP, temperature 293K' 
_exptl_crystal_grow.pdbx_pH_range   . 
# 
_diffrn.id                     1 
_diffrn.ambient_temp           110 
_diffrn.ambient_temp_details   ? 
_diffrn.crystal_id             1 
# 
_diffrn_detector.diffrn_id              1 
_diffrn_detector.detector               'IMAGE PLATE' 
_diffrn_detector.type                   'RIGAKU RAXIS IV' 
_diffrn_detector.pdbx_collection_date   2006-05-11 
_diffrn_detector.details                mirrors 
# 
_diffrn_radiation.diffrn_id                        1 
_diffrn_radiation.wavelength_id                    1 
_diffrn_radiation.pdbx_diffrn_protocol             'SINGLE WAVELENGTH' 
_diffrn_radiation.monochromator                    mirrors 
_diffrn_radiation.pdbx_monochromatic_or_laue_m_l   M 
_diffrn_radiation.pdbx_scattering_type             x-ray 
# 
_diffrn_radiation_wavelength.id           1 
_diffrn_radiation_wavelength.wavelength   1.54 
_diffrn_radiation_wavelength.wt           1.0 
# 
_diffrn_source.diffrn_id                   1 
_diffrn_source.source                      'ROTATING ANODE' 
_diffrn_source.type                        RIGAKU 
_diffrn_source.pdbx_wavelength             ? 
_diffrn_source.pdbx_wavelength_list        1.54 
_diffrn_source.pdbx_synchrotron_site       ? 
_diffrn_source.pdbx_synchrotron_beamline   ? 
# 
_reflns.entry_id                     2P4R 
_reflns.observed_criterion_sigma_F   1 
_reflns.observed_criterion_sigma_I   1 
_reflns.d_resolution_high            2.0 
_reflns.d_resolution_low             36.15 
_reflns.number_all                   5612 
_reflns.number_obs                   5610 
_reflns.percent_possible_obs         96.3 
_reflns.pdbx_Rmerge_I_obs            ? 
_reflns.pdbx_Rsym_value              0.083 
_reflns.pdbx_netI_over_sigmaI        36.7 
_reflns.B_iso_Wilson_estimate        19.6 
_reflns.pdbx_redundancy              14.0 
_reflns.R_free_details               ? 
_reflns.limit_h_max                  ? 
_reflns.limit_h_min                  ? 
_reflns.limit_k_max                  ? 
_reflns.limit_k_min                  ? 
_reflns.limit_l_max                  ? 
_reflns.limit_l_min                  ? 
_reflns.observed_criterion_F_max     ? 
_reflns.observed_criterion_F_min     ? 
_reflns.pdbx_chi_squared             ? 
_reflns.pdbx_scaling_rejects         ? 
_reflns.pdbx_ordinal                 1 
_reflns.pdbx_diffrn_id               1 
# 
_reflns_shell.d_res_high             2.0 
_reflns_shell.d_res_low              2.07 
_reflns_shell.percent_possible_obs   ? 
_reflns_shell.percent_possible_all   94.2 
_reflns_shell.Rmerge_I_obs           ? 
_reflns_shell.meanI_over_sigI_obs    17.2 
_reflns_shell.pdbx_Rsym_value        18.7 
_reflns_shell.pdbx_redundancy        14.1 
_reflns_shell.number_unique_all      519 
_reflns_shell.number_measured_all    ? 
_reflns_shell.number_measured_obs    ? 
_reflns_shell.number_unique_obs      ? 
_reflns_shell.pdbx_chi_squared       ? 
_reflns_shell.pdbx_ordinal           1 
_reflns_shell.pdbx_diffrn_id         1 
# 
_refine.entry_id                                 2P4R 
_refine.ls_d_res_high                            2.001 
_refine.ls_d_res_low                             20.870 
_refine.pdbx_ls_sigma_F                          0.00 
_refine.ls_percent_reflns_obs                    97.290 
_refine.ls_number_reflns_obs                     5603 
_refine.pdbx_ls_cross_valid_method               THROUGHOUT 
_refine.pdbx_R_Free_selection_details            RANDOM 
_refine.details                                  'HYDROGENS HAVE BEEN ADDED IN THE RIDING POSITIONS' 
_refine.ls_R_factor_all                          0.218 
_refine.ls_R_factor_R_work                       0.217 
_refine.ls_wR_factor_R_work                      0.217 
_refine.ls_R_factor_R_free                       0.246 
_refine.ls_wR_factor_R_free                      0.240 
_refine.ls_percent_reflns_R_free                 4.500 
_refine.ls_number_reflns_R_free                  254 
_refine.B_iso_mean                               15.481 
_refine.aniso_B[1][1]                            0.000 
_refine.aniso_B[2][2]                            0.000 
_refine.aniso_B[3][3]                            0.000 
_refine.aniso_B[1][2]                            0.000 
_refine.aniso_B[1][3]                            0.000 
_refine.aniso_B[2][3]                            0.000 
_refine.correlation_coeff_Fo_to_Fc               0.927 
_refine.correlation_coeff_Fo_to_Fc_free          0.889 
_refine.pdbx_overall_ESU_R                       0.222 
_refine.pdbx_overall_ESU_R_Free                  0.178 
_refine.overall_SU_ML                            0.115 
_refine.overall_SU_B                             4.080 
_refine.solvent_model_details                    MASK 
_refine.pdbx_solvent_vdw_probe_radii             1.400 
_refine.pdbx_solvent_ion_probe_radii             0.800 
_refine.pdbx_solvent_shrinkage_radii             0.800 
_refine.pdbx_stereochemistry_target_values       'MAXIMUM LIKELIHOOD' 
_refine.pdbx_ls_sigma_I                          ? 
_refine.ls_number_reflns_all                     5610 
_refine.ls_R_factor_obs                          ? 
_refine.ls_redundancy_reflns_obs                 ? 
_refine.pdbx_data_cutoff_high_absF               ? 
_refine.pdbx_data_cutoff_low_absF                ? 
_refine.ls_number_parameters                     ? 
_refine.ls_number_restraints                     ? 
_refine.ls_R_factor_R_free_error                 ? 
_refine.ls_R_factor_R_free_error_details         ? 
_refine.pdbx_method_to_determine_struct          'MOLECULAR REPLACEMENT' 
_refine.pdbx_starting_model                      'PDB Entry 2AK5' 
_refine.pdbx_stereochem_target_val_spec_case     ? 
_refine.solvent_model_param_bsol                 ? 
_refine.solvent_model_param_ksol                 ? 
_refine.occupancy_max                            ? 
_refine.occupancy_min                            ? 
_refine.pdbx_isotropic_thermal_model             ? 
_refine.B_iso_min                                ? 
_refine.B_iso_max                                ? 
_refine.overall_SU_R_Cruickshank_DPI             ? 
_refine.overall_SU_R_free                        ? 
_refine.pdbx_data_cutoff_high_rms_absF           ? 
_refine.overall_FOM_free_R_set                   ? 
_refine.overall_FOM_work_R_set                   ? 
_refine.pdbx_refine_id                           'X-RAY DIFFRACTION' 
_refine.pdbx_diffrn_id                           1 
_refine.pdbx_TLS_residual_ADP_flag               ? 
_refine.pdbx_overall_phase_error                 ? 
_refine.pdbx_overall_SU_R_free_Cruickshank_DPI   ? 
_refine.pdbx_overall_SU_R_Blow_DPI               ? 
_refine.pdbx_overall_SU_R_free_Blow_DPI          ? 
# 
_refine_hist.pdbx_refine_id                   'X-RAY DIFFRACTION' 
_refine_hist.cycle_id                         LAST 
_refine_hist.pdbx_number_atoms_protein        574 
_refine_hist.pdbx_number_atoms_nucleic_acid   0 
_refine_hist.pdbx_number_atoms_ligand         11 
_refine_hist.number_atoms_solvent             69 
_refine_hist.number_atoms_total               654 
_refine_hist.d_res_high                       2.001 
_refine_hist.d_res_low                        20.870 
# 
loop_
_refine_ls_restr.type 
_refine_ls_restr.number 
_refine_ls_restr.dev_ideal 
_refine_ls_restr.dev_ideal_target 
_refine_ls_restr.weight 
_refine_ls_restr.pdbx_refine_id 
_refine_ls_restr.pdbx_restraint_function 
r_bond_refined_d         622 0.006  0.022  ? 'X-RAY DIFFRACTION' ? 
r_angle_refined_deg      849 1.026  1.938  ? 'X-RAY DIFFRACTION' ? 
r_dihedral_angle_1_deg   73  4.978  5.000  ? 'X-RAY DIFFRACTION' ? 
r_dihedral_angle_2_deg   31  30.930 22.258 ? 'X-RAY DIFFRACTION' ? 
r_dihedral_angle_3_deg   89  11.391 15.000 ? 'X-RAY DIFFRACTION' ? 
r_dihedral_angle_4_deg   7   12.761 15.000 ? 'X-RAY DIFFRACTION' ? 
r_chiral_restr           82  0.070  0.200  ? 'X-RAY DIFFRACTION' ? 
r_gen_planes_refined     497 0.003  0.020  ? 'X-RAY DIFFRACTION' ? 
r_nbd_refined            255 0.173  0.200  ? 'X-RAY DIFFRACTION' ? 
r_nbtor_refined          408 0.303  0.200  ? 'X-RAY DIFFRACTION' ? 
r_xyhbond_nbd_refined    63  0.110  0.200  ? 'X-RAY DIFFRACTION' ? 
r_symmetry_vdw_refined   33  0.167  0.200  ? 'X-RAY DIFFRACTION' ? 
r_symmetry_hbond_refined 18  0.135  0.200  ? 'X-RAY DIFFRACTION' ? 
r_mcbond_it              380 0.505  1.500  ? 'X-RAY DIFFRACTION' ? 
r_mcangle_it             607 0.853  2.000  ? 'X-RAY DIFFRACTION' ? 
r_scbond_it              281 1.098  3.000  ? 'X-RAY DIFFRACTION' ? 
r_scangle_it             242 1.897  4.500  ? 'X-RAY DIFFRACTION' ? 
# 
loop_
_refine_ls_shell.pdbx_total_number_of_bins_used 
_refine_ls_shell.d_res_low 
_refine_ls_shell.d_res_high 
_refine_ls_shell.number_reflns_all 
_refine_ls_shell.percent_reflns_obs 
_refine_ls_shell.number_reflns_R_work 
_refine_ls_shell.R_factor_R_work 
_refine_ls_shell.number_reflns_R_free 
_refine_ls_shell.R_factor_R_free 
_refine_ls_shell.number_reflns_obs 
_refine_ls_shell.R_factor_R_free_error 
_refine_ls_shell.percent_reflns_R_free 
_refine_ls_shell.redundancy_reflns_obs 
_refine_ls_shell.R_factor_all 
_refine_ls_shell.pdbx_refine_id 
20 2.052  2.001 394 94.416  360 0.222 12 0.269 103 . . . . 'X-RAY DIFFRACTION' 
20 2.108  2.052 401 95.262  367 0.228 15 0.377 135 . . . . 'X-RAY DIFFRACTION' 
20 2.169  2.108 381 95.801  341 0.216 24 0.195 166 . . . . 'X-RAY DIFFRACTION' 
20 2.235  2.169 370 95.946  344 0.202 11 0.209 191 . . . . 'X-RAY DIFFRACTION' 
20 2.307  2.235 376 96.277  345 0.217 17 0.268 210 . . . . 'X-RAY DIFFRACTION' 
20 2.387  2.307 347 96.830  320 0.226 16 0.309 224 . . . . 'X-RAY DIFFRACTION' 
20 2.476  2.387 351 96.866  328 0.227 12 0.379 239 . . . . 'X-RAY DIFFRACTION' 
20 2.575  2.476 326 96.933  303 0.224 13 0.177 246 . . . . 'X-RAY DIFFRACTION' 
20 2.688  2.575 320 97.812  302 0.220 11 0.208 263 . . . . 'X-RAY DIFFRACTION' 
20 2.817  2.688 314 97.134  294 0.227 11 0.223 268 . . . . 'X-RAY DIFFRACTION' 
20 2.966  2.817 294 98.299  268 0.201 21 0.225 294 . . . . 'X-RAY DIFFRACTION' 
20 3.142  2.966 286 98.601  263 0.215 19 0.226 302 . . . . 'X-RAY DIFFRACTION' 
20 3.354  3.142 262 98.855  246 0.191 13 0.154 303 . . . . 'X-RAY DIFFRACTION' 
20 3.615  3.354 255 98.431  239 0.188 12 0.221 328 . . . . 'X-RAY DIFFRACTION' 
20 3.948  3.615 233 100.000 224 0.176 9  0.692 320 . . . . 'X-RAY DIFFRACTION' 
20 4.394  3.948 219 99.543  210 0.191 8  0.106 345 . . . . 'X-RAY DIFFRACTION' 
20 5.037  4.394 200 99.500  191 0.210 8  0.288 344 . . . . 'X-RAY DIFFRACTION' 
20 6.081  5.037 177 99.435  166 0.239 10 0.466 341 . . . . 'X-RAY DIFFRACTION' 
20 8.257  6.081 143 99.301  135 0.256 7  0.164 367 . . . . 'X-RAY DIFFRACTION' 
20 20.874 8.257 110 98.182  103 0.461 5  0.237 360 . . . . 'X-RAY DIFFRACTION' 
# 
_struct.entry_id                  2P4R 
_struct.title                     'Structural basis for a novel interaction between AIP4 and beta-PIX' 
_struct.pdbx_model_details        ? 
_struct.pdbx_CASP_flag            N 
_struct.pdbx_model_type_details   ? 
# 
_struct_keywords.entry_id        2P4R 
_struct_keywords.pdbx_keywords   LIGASE 
_struct_keywords.text            'SH3 domain peptide ligand complex, LIGASE' 
# 
loop_
_struct_asym.id 
_struct_asym.pdbx_blank_PDB_chainid_flag 
_struct_asym.pdbx_modified 
_struct_asym.entity_id 
_struct_asym.details 
A N N 1 ? 
B N N 2 ? 
C N N 3 ? 
D N N 4 ? 
E N N 5 ? 
F N N 5 ? 
# 
_struct_biol.id   1 
# 
_struct_sheet.id               A 
_struct_sheet.type             ? 
_struct_sheet.number_strands   5 
_struct_sheet.details          ? 
# 
loop_
_struct_sheet_order.sheet_id 
_struct_sheet_order.range_id_1 
_struct_sheet_order.range_id_2 
_struct_sheet_order.offset 
_struct_sheet_order.sense 
A 1 2 ? anti-parallel 
A 2 3 ? anti-parallel 
A 3 4 ? anti-parallel 
A 4 5 ? anti-parallel 
# 
loop_
_struct_sheet_range.sheet_id 
_struct_sheet_range.id 
_struct_sheet_range.beg_label_comp_id 
_struct_sheet_range.beg_label_asym_id 
_struct_sheet_range.beg_label_seq_id 
_struct_sheet_range.pdbx_beg_PDB_ins_code 
_struct_sheet_range.end_label_comp_id 
_struct_sheet_range.end_label_asym_id 
_struct_sheet_range.end_label_seq_id 
_struct_sheet_range.pdbx_end_PDB_ins_code 
_struct_sheet_range.beg_auth_comp_id 
_struct_sheet_range.beg_auth_asym_id 
_struct_sheet_range.beg_auth_seq_id 
_struct_sheet_range.end_auth_comp_id 
_struct_sheet_range.end_auth_asym_id 
_struct_sheet_range.end_auth_seq_id 
A 1 ARG A 47 ? PRO A 52 ? ARG A 51 PRO A 56 
A 2 TRP A 39 ? HIS A 44 ? TRP A 43 HIS A 48 
A 3 VAL A 28 ? VAL A 34 ? VAL A 32 VAL A 38 
A 4 VAL A 6  ? ALA A 9  ? VAL A 10 ALA A 13 
A 5 VAL A 56 ? GLU A 58 ? VAL A 60 GLU A 62 
# 
loop_
_pdbx_struct_sheet_hbond.sheet_id 
_pdbx_struct_sheet_hbond.range_id_1 
_pdbx_struct_sheet_hbond.range_id_2 
_pdbx_struct_sheet_hbond.range_1_label_atom_id 
_pdbx_struct_sheet_hbond.range_1_label_comp_id 
_pdbx_struct_sheet_hbond.range_1_label_asym_id 
_pdbx_struct_sheet_hbond.range_1_label_seq_id 
_pdbx_struct_sheet_hbond.range_1_PDB_ins_code 
_pdbx_struct_sheet_hbond.range_1_auth_atom_id 
_pdbx_struct_sheet_hbond.range_1_auth_comp_id 
_pdbx_struct_sheet_hbond.range_1_auth_asym_id 
_pdbx_struct_sheet_hbond.range_1_auth_seq_id 
_pdbx_struct_sheet_hbond.range_2_label_atom_id 
_pdbx_struct_sheet_hbond.range_2_label_comp_id 
_pdbx_struct_sheet_hbond.range_2_label_asym_id 
_pdbx_struct_sheet_hbond.range_2_label_seq_id 
_pdbx_struct_sheet_hbond.range_2_PDB_ins_code 
_pdbx_struct_sheet_hbond.range_2_auth_atom_id 
_pdbx_struct_sheet_hbond.range_2_auth_comp_id 
_pdbx_struct_sheet_hbond.range_2_auth_asym_id 
_pdbx_struct_sheet_hbond.range_2_auth_seq_id 
A 1 2 O PHE A 51 ? O PHE A 55 N TRP A 40 ? N TRP A 44 
A 2 3 O GLU A 41 ? O GLU A 45 N ARG A 33 ? N ARG A 37 
A 3 4 O ILE A 29 ? O ILE A 33 N VAL A 7  ? N VAL A 11 
A 4 5 N ARG A 8  ? N ARG A 12 O ARG A 57 ? O ARG A 61 
# 
loop_
_struct_site.id 
_struct_site.pdbx_evidence_code 
_struct_site.pdbx_auth_asym_id 
_struct_site.pdbx_auth_comp_id 
_struct_site.pdbx_auth_seq_id 
_struct_site.pdbx_auth_ins_code 
_struct_site.pdbx_num_residues 
_struct_site.details 
AC1 Software A SO4 81 ? 6 'BINDING SITE FOR RESIDUE SO4 A 81' 
AC2 Software A GOL 71 ? 3 'BINDING SITE FOR RESIDUE GOL A 71' 
# 
loop_
_struct_site_gen.id 
_struct_site_gen.site_id 
_struct_site_gen.pdbx_num_res 
_struct_site_gen.label_comp_id 
_struct_site_gen.label_asym_id 
_struct_site_gen.label_seq_id 
_struct_site_gen.pdbx_auth_ins_code 
_struct_site_gen.auth_comp_id 
_struct_site_gen.auth_asym_id 
_struct_site_gen.auth_seq_id 
_struct_site_gen.label_atom_id 
_struct_site_gen.label_alt_id 
_struct_site_gen.symmetry 
_struct_site_gen.details 
1 AC1 6 ARG A 8  ? ARG A 12  . ? 1_555 ? 
2 AC1 6 ASN A 17 ? ASN A 21  . ? 5_554 ? 
3 AC1 6 GLU A 18 ? GLU A 22  . ? 5_554 ? 
4 AC1 6 ARG A 57 ? ARG A 61  . ? 1_555 ? 
5 AC1 6 HOH E .  ? HOH A 118 . ? 1_555 ? 
6 AC1 6 HOH E .  ? HOH A 126 . ? 1_555 ? 
7 AC2 3 TRP A 40 ? TRP A 44  . ? 1_555 ? 
8 AC2 3 GLU A 58 ? GLU A 62  . ? 1_555 ? 
9 AC2 3 HOH E .  ? HOH A 128 . ? 8_555 ? 
# 
_atom_sites.entry_id                    2P4R 
_atom_sites.fract_transf_matrix[1][1]   -0.02060451 
_atom_sites.fract_transf_matrix[1][2]   0.01652235 
_atom_sites.fract_transf_matrix[1][3]   0.00820595 
_atom_sites.fract_transf_matrix[2][1]   -0.00650772 
_atom_sites.fract_transf_matrix[2][2]   0.00171236 
_atom_sites.fract_transf_matrix[2][3]   0.02682896 
_atom_sites.fract_transf_matrix[3][1]   0.00434113 
_atom_sites.fract_transf_matrix[3][2]   0.00505082 
_atom_sites.fract_transf_matrix[3][3]   0.00073063 
_atom_sites.fract_transf_vector[1]      0.348682 
_atom_sites.fract_transf_vector[2]      0.317345 
_atom_sites.fract_transf_vector[3]      0.006652 
# 
loop_
_atom_type.symbol 
C 
N 
O 
S 
# 
loop_
_atom_site.group_PDB 
_atom_site.id 
_atom_site.type_symbol 
_atom_site.label_atom_id 
_atom_site.label_alt_id 
_atom_site.label_comp_id 
_atom_site.label_asym_id 
_atom_site.label_entity_id 
_atom_site.label_seq_id 
_atom_site.pdbx_PDB_ins_code 
_atom_site.Cartn_x 
_atom_site.Cartn_y 
_atom_site.Cartn_z 
_atom_site.occupancy 
_atom_site.B_iso_or_equiv 
_atom_site.pdbx_formal_charge 
_atom_site.auth_seq_id 
_atom_site.auth_comp_id 
_atom_site.auth_asym_id 
_atom_site.auth_atom_id 
_atom_site.pdbx_PDB_model_num 
ATOM   1   N N   . SER A 1 5  ? -9.369  8.053   -4.590  1.00 18.63 ? 9   SER A N   1 
ATOM   2   C CA  . SER A 1 5  ? -8.264  7.962   -3.588  1.00 18.37 ? 9   SER A CA  1 
ATOM   3   C C   . SER A 1 5  ? -8.600  7.079   -2.377  1.00 17.66 ? 9   SER A C   1 
ATOM   4   O O   . SER A 1 5  ? -7.829  7.020   -1.424  1.00 17.48 ? 9   SER A O   1 
ATOM   5   C CB  . SER A 1 5  ? -7.822  9.361   -3.132  1.00 18.62 ? 9   SER A CB  1 
ATOM   6   O OG  . SER A 1 5  ? -8.839  10.026  -2.393  1.00 20.46 ? 9   SER A OG  1 
ATOM   7   N N   . VAL A 1 6  ? -9.738  6.389   -2.421  1.00 16.80 ? 10  VAL A N   1 
ATOM   8   C CA  . VAL A 1 6  ? -10.125 5.481   -1.335  1.00 16.12 ? 10  VAL A CA  1 
ATOM   9   C C   . VAL A 1 6  ? -10.157 4.041   -1.834  1.00 15.40 ? 10  VAL A C   1 
ATOM   10  O O   . VAL A 1 6  ? -10.877 3.717   -2.782  1.00 15.32 ? 10  VAL A O   1 
ATOM   11  C CB  . VAL A 1 6  ? -11.499 5.850   -0.717  1.00 16.15 ? 10  VAL A CB  1 
ATOM   12  C CG1 . VAL A 1 6  ? -11.760 5.023   0.533   1.00 16.55 ? 10  VAL A CG1 1 
ATOM   13  C CG2 . VAL A 1 6  ? -11.568 7.336   -0.393  1.00 16.46 ? 10  VAL A CG2 1 
ATOM   14  N N   . VAL A 1 7  ? -9.374  3.180   -1.188  1.00 14.65 ? 11  VAL A N   1 
ATOM   15  C CA  . VAL A 1 7  ? -9.251  1.786   -1.612  1.00 14.00 ? 11  VAL A CA  1 
ATOM   16  C C   . VAL A 1 7  ? -9.472  0.812   -0.457  1.00 14.08 ? 11  VAL A C   1 
ATOM   17  O O   . VAL A 1 7  ? -9.298  1.169   0.714   1.00 13.80 ? 11  VAL A O   1 
ATOM   18  C CB  . VAL A 1 7  ? -7.877  1.492   -2.304  1.00 13.74 ? 11  VAL A CB  1 
ATOM   19  C CG1 . VAL A 1 7  ? -7.706  2.340   -3.563  1.00 13.24 ? 11  VAL A CG1 1 
ATOM   20  C CG2 . VAL A 1 7  ? -6.708  1.700   -1.337  1.00 12.72 ? 11  VAL A CG2 1 
ATOM   21  N N   . ARG A 1 8  ? -9.861  -0.413  -0.799  1.00 13.92 ? 12  ARG A N   1 
ATOM   22  C CA  . ARG A 1 8  ? -10.045 -1.475  0.181   1.00 14.22 ? 12  ARG A CA  1 
ATOM   23  C C   . ARG A 1 8  ? -9.079  -2.618  -0.108  1.00 13.45 ? 12  ARG A C   1 
ATOM   24  O O   . ARG A 1 8  ? -8.944  -3.056  -1.255  1.00 13.00 ? 12  ARG A O   1 
ATOM   25  C CB  . ARG A 1 8  ? -11.489 -1.985  0.161   1.00 14.14 ? 12  ARG A CB  1 
ATOM   26  C CG  . ARG A 1 8  ? -11.828 -2.919  1.317   1.00 15.71 ? 12  ARG A CG  1 
ATOM   27  C CD  . ARG A 1 8  ? -13.202 -3.562  1.161   1.00 16.48 ? 12  ARG A CD  1 
ATOM   28  N NE  . ARG A 1 8  ? -13.295 -4.347  -0.065  1.00 20.92 ? 12  ARG A NE  1 
ATOM   29  C CZ  . ARG A 1 8  ? -14.022 -4.000  -1.124  1.00 23.01 ? 12  ARG A CZ  1 
ATOM   30  N NH1 . ARG A 1 8  ? -14.744 -2.882  -1.110  1.00 24.05 ? 12  ARG A NH1 1 
ATOM   31  N NH2 . ARG A 1 8  ? -14.035 -4.780  -2.197  1.00 24.62 ? 12  ARG A NH2 1 
ATOM   32  N N   . ALA A 1 9  ? -8.413  -3.096  0.937   1.00 13.04 ? 13  ALA A N   1 
ATOM   33  C CA  . ALA A 1 9  ? -7.443  -4.178  0.814   1.00 12.64 ? 13  ALA A CA  1 
ATOM   34  C C   . ALA A 1 9  ? -8.102  -5.494  0.406   1.00 12.60 ? 13  ALA A C   1 
ATOM   35  O O   . ALA A 1 9  ? -9.030  -5.967  1.075   1.00 12.38 ? 13  ALA A O   1 
ATOM   36  C CB  . ALA A 1 9  ? -6.684  -4.348  2.116   1.00 12.77 ? 13  ALA A CB  1 
ATOM   37  N N   A LYS A 1 10 ? -7.617  -6.070  -0.692  0.50 12.48 ? 14  LYS A N   1 
ATOM   38  N N   B LYS A 1 10 ? -7.626  -6.066  -0.701  0.50 12.59 ? 14  LYS A N   1 
ATOM   39  C CA  A LYS A 1 10 ? -8.081  -7.371  -1.180  0.50 12.33 ? 14  LYS A CA  1 
ATOM   40  C CA  B LYS A 1 10 ? -8.081  -7.376  -1.180  0.50 12.57 ? 14  LYS A CA  1 
ATOM   41  C C   A LYS A 1 10 ? -7.393  -8.496  -0.417  0.50 12.34 ? 14  LYS A C   1 
ATOM   42  C C   B LYS A 1 10 ? -7.403  -8.490  -0.395  0.50 12.45 ? 14  LYS A C   1 
ATOM   43  O O   A LYS A 1 10 ? -7.965  -9.571  -0.235  0.50 12.13 ? 14  LYS A O   1 
ATOM   44  O O   B LYS A 1 10 ? -7.984  -9.554  -0.184  0.50 12.26 ? 14  LYS A O   1 
ATOM   45  C CB  A LYS A 1 10 ? -7.788  -7.522  -2.678  0.50 12.22 ? 14  LYS A CB  1 
ATOM   46  C CB  B LYS A 1 10 ? -7.756  -7.563  -2.668  0.50 12.44 ? 14  LYS A CB  1 
ATOM   47  C CG  A LYS A 1 10 ? -8.464  -6.484  -3.582  0.50 12.44 ? 14  LYS A CG  1 
ATOM   48  C CG  B LYS A 1 10 ? -8.473  -6.632  -3.639  0.50 12.95 ? 14  LYS A CG  1 
ATOM   49  C CD  A LYS A 1 10 ? -7.857  -6.466  -4.991  0.50 12.26 ? 14  LYS A CD  1 
ATOM   50  C CD  B LYS A 1 10 ? -8.051  -6.948  -5.077  0.50 12.99 ? 14  LYS A CD  1 
ATOM   51  C CE  A LYS A 1 10 ? -8.265  -7.686  -5.812  0.50 12.02 ? 14  LYS A CE  1 
ATOM   52  C CE  B LYS A 1 10 ? -8.725  -6.036  -6.087  0.50 13.56 ? 14  LYS A CE  1 
ATOM   53  N NZ  A LYS A 1 10 ? -7.653  -7.691  -7.175  0.50 10.84 ? 14  LYS A NZ  1 
ATOM   54  N NZ  B LYS A 1 10 ? -8.351  -6.368  -7.495  0.50 14.61 ? 14  LYS A NZ  1 
ATOM   55  N N   . PHE A 1 11 ? -6.162  -8.235  0.018   1.00 12.41 ? 15  PHE A N   1 
ATOM   56  C CA  . PHE A 1 11 ? -5.345  -9.212  0.744   1.00 12.66 ? 15  PHE A CA  1 
ATOM   57  C C   . PHE A 1 11 ? -4.658  -8.530  1.919   1.00 12.65 ? 15  PHE A C   1 
ATOM   58  O O   . PHE A 1 11 ? -4.608  -7.296  1.981   1.00 12.50 ? 15  PHE A O   1 
ATOM   59  C CB  . PHE A 1 11 ? -4.255  -9.795  -0.170  1.00 12.83 ? 15  PHE A CB  1 
ATOM   60  C CG  . PHE A 1 11 ? -4.733  -10.156 -1.551  1.00 13.47 ? 15  PHE A CG  1 
ATOM   61  C CD1 . PHE A 1 11 ? -4.509  -9.294  -2.620  1.00 13.73 ? 15  PHE A CD1 1 
ATOM   62  C CD2 . PHE A 1 11 ? -5.395  -11.361 -1.784  1.00 13.90 ? 15  PHE A CD2 1 
ATOM   63  C CE1 . PHE A 1 11 ? -4.944  -9.617  -3.893  1.00 14.26 ? 15  PHE A CE1 1 
ATOM   64  C CE2 . PHE A 1 11 ? -5.837  -11.696 -3.060  1.00 14.38 ? 15  PHE A CE2 1 
ATOM   65  C CZ  . PHE A 1 11 ? -5.608  -10.825 -4.117  1.00 14.18 ? 15  PHE A CZ  1 
ATOM   66  N N   . ASN A 1 12 ? -4.127  -9.332  2.844   1.00 12.51 ? 16  ASN A N   1 
ATOM   67  C CA  . ASN A 1 12 ? -3.186  -8.826  3.836   1.00 12.45 ? 16  ASN A CA  1 
ATOM   68  C C   . ASN A 1 12 ? -1.906  -8.401  3.123   1.00 12.02 ? 16  ASN A C   1 
ATOM   69  O O   . ASN A 1 12 ? -1.499  -9.018  2.141   1.00 12.09 ? 16  ASN A O   1 
ATOM   70  C CB  . ASN A 1 12 ? -2.825  -9.897  4.873   1.00 12.60 ? 16  ASN A CB  1 
ATOM   71  C CG  . ASN A 1 12 ? -4.030  -10.427 5.635   1.00 13.22 ? 16  ASN A CG  1 
ATOM   72  O OD1 . ASN A 1 12 ? -5.049  -9.764  5.762   1.00 13.56 ? 16  ASN A OD1 1 
ATOM   73  N ND2 . ASN A 1 12 ? -3.900  -11.640 6.160   1.00 14.65 ? 16  ASN A ND2 1 
ATOM   74  N N   . PHE A 1 13 ? -1.281  -7.344  3.619   1.00 11.57 ? 17  PHE A N   1 
ATOM   75  C CA  . PHE A 1 13 ? 0.052   -6.982  3.175   1.00 11.18 ? 17  PHE A CA  1 
ATOM   76  C C   . PHE A 1 13 ? 0.931   -6.702  4.376   1.00 11.45 ? 17  PHE A C   1 
ATOM   77  O O   . PHE A 1 13 ? 0.591   -5.900  5.244   1.00 11.05 ? 17  PHE A O   1 
ATOM   78  C CB  . PHE A 1 13 ? 0.040   -5.789  2.215   1.00 10.62 ? 17  PHE A CB  1 
ATOM   79  C CG  . PHE A 1 13 ? 1.417   -5.298  1.846   1.00 9.82  ? 17  PHE A CG  1 
ATOM   80  C CD1 . PHE A 1 13 ? 2.270   -6.080  1.067   1.00 9.09  ? 17  PHE A CD1 1 
ATOM   81  C CD2 . PHE A 1 13 ? 1.871   -4.063  2.299   1.00 9.55  ? 17  PHE A CD2 1 
ATOM   82  C CE1 . PHE A 1 13 ? 3.550   -5.633  0.739   1.00 9.42  ? 17  PHE A CE1 1 
ATOM   83  C CE2 . PHE A 1 13 ? 3.151   -3.603  1.977   1.00 9.64  ? 17  PHE A CE2 1 
ATOM   84  C CZ  . PHE A 1 13 ? 3.990   -4.388  1.189   1.00 9.64  ? 17  PHE A CZ  1 
ATOM   85  N N   . GLN A 1 14 ? 2.068   -7.379  4.412   1.00 12.07 ? 18  GLN A N   1 
ATOM   86  C CA  . GLN A 1 14 ? 3.008   -7.233  5.501   1.00 12.82 ? 18  GLN A CA  1 
ATOM   87  C C   . GLN A 1 14 ? 4.212   -6.423  5.030   1.00 12.19 ? 18  GLN A C   1 
ATOM   88  O O   . GLN A 1 14 ? 4.933   -6.833  4.120   1.00 12.05 ? 18  GLN A O   1 
ATOM   89  C CB  . GLN A 1 14 ? 3.395   -8.617  6.038   1.00 12.88 ? 18  GLN A CB  1 
ATOM   90  C CG  . GLN A 1 14 ? 2.183   -9.371  6.620   1.00 14.24 ? 18  GLN A CG  1 
ATOM   91  C CD  . GLN A 1 14 ? 2.499   -10.766 7.135   1.00 14.88 ? 18  GLN A CD  1 
ATOM   92  O OE1 . GLN A 1 14 ? 3.439   -11.427 6.679   1.00 18.40 ? 18  GLN A OE1 1 
ATOM   93  N NE2 . GLN A 1 14 ? 1.689   -11.231 8.087   1.00 16.62 ? 18  GLN A NE2 1 
ATOM   94  N N   . GLN A 1 15 ? 4.398   -5.250  5.631   1.00 11.97 ? 19  GLN A N   1 
ATOM   95  C CA  . GLN A 1 15 ? 5.522   -4.372  5.294   1.00 11.79 ? 19  GLN A CA  1 
ATOM   96  C C   . GLN A 1 15 ? 6.859   -5.064  5.570   1.00 11.96 ? 19  GLN A C   1 
ATOM   97  O O   . GLN A 1 15 ? 6.967   -5.851  6.516   1.00 11.91 ? 19  GLN A O   1 
ATOM   98  C CB  . GLN A 1 15 ? 5.434   -3.063  6.078   1.00 11.44 ? 19  GLN A CB  1 
ATOM   99  C CG  . GLN A 1 15 ? 5.881   -3.149  7.530   1.00 11.17 ? 19  GLN A CG  1 
ATOM   100 C CD  . GLN A 1 15 ? 5.465   -1.939  8.326   1.00 10.35 ? 19  GLN A CD  1 
ATOM   101 O OE1 . GLN A 1 15 ? 6.218   -0.977  8.453   1.00 11.86 ? 19  GLN A OE1 1 
ATOM   102 N NE2 . GLN A 1 15 ? 4.250   -1.968  8.849   1.00 10.74 ? 19  GLN A NE2 1 
ATOM   103 N N   . THR A 1 16 ? 7.869   -4.776  4.748   1.00 12.13 ? 20  THR A N   1 
ATOM   104 C CA  . THR A 1 16 ? 9.200   -5.373  4.944   1.00 12.35 ? 20  THR A CA  1 
ATOM   105 C C   . THR A 1 16 ? 10.188  -4.369  5.550   1.00 12.31 ? 20  THR A C   1 
ATOM   106 O O   . THR A 1 16 ? 11.280  -4.737  5.979   1.00 12.51 ? 20  THR A O   1 
ATOM   107 C CB  . THR A 1 16 ? 9.769   -6.013  3.652   1.00 12.61 ? 20  THR A CB  1 
ATOM   108 O OG1 . THR A 1 16 ? 9.963   -5.007  2.647   1.00 12.89 ? 20  THR A OG1 1 
ATOM   109 C CG2 . THR A 1 16 ? 8.833   -7.100  3.123   1.00 12.69 ? 20  THR A CG2 1 
ATOM   110 N N   . ASN A 1 17 ? 9.777   -3.105  5.588   1.00 12.33 ? 21  ASN A N   1 
ATOM   111 C CA  . ASN A 1 17 ? 10.519  -2.027  6.241   1.00 12.48 ? 21  ASN A CA  1 
ATOM   112 C C   . ASN A 1 17 ? 9.536   -0.923  6.637   1.00 12.61 ? 21  ASN A C   1 
ATOM   113 O O   . ASN A 1 17 ? 8.329   -1.090  6.462   1.00 12.95 ? 21  ASN A O   1 
ATOM   114 C CB  . ASN A 1 17 ? 11.645  -1.504  5.331   1.00 12.18 ? 21  ASN A CB  1 
ATOM   115 C CG  . ASN A 1 17 ? 11.136  -0.988  4.001   1.00 12.00 ? 21  ASN A CG  1 
ATOM   116 O OD1 . ASN A 1 17 ? 10.149  -0.259  3.945   1.00 11.41 ? 21  ASN A OD1 1 
ATOM   117 N ND2 . ASN A 1 17 ? 11.817  -1.353  2.922   1.00 10.13 ? 21  ASN A ND2 1 
ATOM   118 N N   . GLU A 1 18 ? 10.031  0.195   7.160   1.00 12.62 ? 22  GLU A N   1 
ATOM   119 C CA  . GLU A 1 18 ? 9.146   1.275   7.605   1.00 13.16 ? 22  GLU A CA  1 
ATOM   120 C C   . GLU A 1 18 ? 8.784   2.289   6.508   1.00 12.50 ? 22  GLU A C   1 
ATOM   121 O O   . GLU A 1 18 ? 8.105   3.278   6.775   1.00 12.88 ? 22  GLU A O   1 
ATOM   122 C CB  . GLU A 1 18 ? 9.694   1.955   8.871   1.00 13.35 ? 22  GLU A CB  1 
ATOM   123 C CG  . GLU A 1 18 ? 9.651   1.057   10.115  1.00 14.72 ? 22  GLU A CG  1 
ATOM   124 C CD  . GLU A 1 18 ? 10.378  1.646   11.318  1.00 15.08 ? 22  GLU A CD  1 
ATOM   125 O OE1 . GLU A 1 18 ? 9.944   2.701   11.830  1.00 17.44 ? 22  GLU A OE1 1 
ATOM   126 O OE2 . GLU A 1 18 ? 11.379  1.036   11.758  1.00 18.42 ? 22  GLU A OE2 1 
ATOM   127 N N   . ASP A 1 19 ? 9.225   2.028   5.276   1.00 11.91 ? 23  ASP A N   1 
ATOM   128 C CA  . ASP A 1 19 ? 8.787   2.786   4.099   1.00 11.31 ? 23  ASP A CA  1 
ATOM   129 C C   . ASP A 1 19 ? 7.474   2.222   3.557   1.00 11.04 ? 23  ASP A C   1 
ATOM   130 O O   . ASP A 1 19 ? 6.817   2.841   2.718   1.00 10.39 ? 23  ASP A O   1 
ATOM   131 C CB  . ASP A 1 19 ? 9.823   2.709   2.974   1.00 11.20 ? 23  ASP A CB  1 
ATOM   132 C CG  . ASP A 1 19 ? 11.116  3.444   3.288   1.00 11.69 ? 23  ASP A CG  1 
ATOM   133 O OD1 . ASP A 1 19 ? 11.166  4.233   4.254   1.00 10.97 ? 23  ASP A OD1 1 
ATOM   134 O OD2 . ASP A 1 19 ? 12.086  3.231   2.529   1.00 11.67 ? 23  ASP A OD2 1 
ATOM   135 N N   . GLU A 1 20 ? 7.119   1.034   4.030   1.00 10.93 ? 24  GLU A N   1 
ATOM   136 C CA  . GLU A 1 20 ? 5.974   0.296   3.524   1.00 10.68 ? 24  GLU A CA  1 
ATOM   137 C C   . GLU A 1 20 ? 4.839   0.269   4.540   1.00 10.61 ? 24  GLU A C   1 
ATOM   138 O O   . GLU A 1 20 ? 5.066   0.395   5.741   1.00 10.67 ? 24  GLU A O   1 
ATOM   139 C CB  . GLU A 1 20 ? 6.399   -1.118  3.105   1.00 10.70 ? 24  GLU A CB  1 
ATOM   140 C CG  . GLU A 1 20 ? 7.272   -1.128  1.847   1.00 10.59 ? 24  GLU A CG  1 
ATOM   141 C CD  . GLU A 1 20 ? 7.985   -2.436  1.601   1.00 10.80 ? 24  GLU A CD  1 
ATOM   142 O OE1 . GLU A 1 20 ? 7.641   -3.457  2.232   1.00 10.16 ? 24  GLU A OE1 1 
ATOM   143 O OE2 . GLU A 1 20 ? 8.904   -2.441  0.755   1.00 12.10 ? 24  GLU A OE2 1 
ATOM   144 N N   . LEU A 1 21 ? 3.619   0.108   4.041   1.00 10.54 ? 25  LEU A N   1 
ATOM   145 C CA  . LEU A 1 21 ? 2.418   0.192   4.853   1.00 10.41 ? 25  LEU A CA  1 
ATOM   146 C C   . LEU A 1 21 ? 1.781   -1.180  5.010   1.00 10.46 ? 25  LEU A C   1 
ATOM   147 O O   . LEU A 1 21 ? 1.403   -1.798  4.021   1.00 10.67 ? 25  LEU A O   1 
ATOM   148 C CB  . LEU A 1 21 ? 1.425   1.155   4.193   1.00 10.40 ? 25  LEU A CB  1 
ATOM   149 C CG  . LEU A 1 21 ? 0.065   1.416   4.839   1.00 10.79 ? 25  LEU A CG  1 
ATOM   150 C CD1 . LEU A 1 21 ? 0.211   2.287   6.082   1.00 10.77 ? 25  LEU A CD1 1 
ATOM   151 C CD2 . LEU A 1 21 ? -0.857  2.080   3.840   1.00 10.66 ? 25  LEU A CD2 1 
ATOM   152 N N   . SER A 1 22 ? 1.657   -1.648  6.252   1.00 10.14 ? 26  SER A N   1 
ATOM   153 C CA  . SER A 1 22 ? 0.954   -2.893  6.538   1.00 9.97  ? 26  SER A CA  1 
ATOM   154 C C   . SER A 1 22 ? -0.548  -2.684  6.612   1.00 10.25 ? 26  SER A C   1 
ATOM   155 O O   . SER A 1 22 ? -1.016  -1.635  7.060   1.00 10.41 ? 26  SER A O   1 
ATOM   156 C CB  . SER A 1 22 ? 1.442   -3.503  7.854   1.00 10.01 ? 26  SER A CB  1 
ATOM   157 O OG  . SER A 1 22 ? 2.749   -4.011  7.710   1.00 9.54  ? 26  SER A OG  1 
ATOM   158 N N   . PHE A 1 23 ? -1.296  -3.692  6.167   1.00 10.41 ? 27  PHE A N   1 
ATOM   159 C CA  . PHE A 1 23 ? -2.748  -3.729  6.344   1.00 10.52 ? 27  PHE A CA  1 
ATOM   160 C C   . PHE A 1 23 ? -3.323  -5.149  6.268   1.00 10.73 ? 27  PHE A C   1 
ATOM   161 O O   . PHE A 1 23 ? -2.659  -6.078  5.811   1.00 10.50 ? 27  PHE A O   1 
ATOM   162 C CB  . PHE A 1 23 ? -3.470  -2.785  5.365   1.00 10.50 ? 27  PHE A CB  1 
ATOM   163 C CG  . PHE A 1 23 ? -3.085  -2.963  3.914   1.00 10.27 ? 27  PHE A CG  1 
ATOM   164 C CD1 . PHE A 1 23 ? -3.437  -4.115  3.210   1.00 10.34 ? 27  PHE A CD1 1 
ATOM   165 C CD2 . PHE A 1 23 ? -2.413  -1.947  3.235   1.00 10.84 ? 27  PHE A CD2 1 
ATOM   166 C CE1 . PHE A 1 23 ? -3.099  -4.266  1.864   1.00 10.38 ? 27  PHE A CE1 1 
ATOM   167 C CE2 . PHE A 1 23 ? -2.076  -2.087  1.887   1.00 10.07 ? 27  PHE A CE2 1 
ATOM   168 C CZ  . PHE A 1 23 ? -2.422  -3.244  1.201   1.00 10.64 ? 27  PHE A CZ  1 
ATOM   169 N N   . SER A 1 24 ? -4.562  -5.297  6.725   1.00 11.17 ? 28  SER A N   1 
ATOM   170 C CA  . SER A 1 24 ? -5.283  -6.561  6.649   1.00 11.81 ? 28  SER A CA  1 
ATOM   171 C C   . SER A 1 24 ? -6.379  -6.479  5.596   1.00 11.80 ? 28  SER A C   1 
ATOM   172 O O   . SER A 1 24 ? -6.889  -5.397  5.307   1.00 11.78 ? 28  SER A O   1 
ATOM   173 C CB  . SER A 1 24 ? -5.901  -6.898  8.008   1.00 11.67 ? 28  SER A CB  1 
ATOM   174 O OG  . SER A 1 24 ? -4.900  -6.989  9.005   1.00 13.58 ? 28  SER A OG  1 
ATOM   175 N N   . LYS A 1 25 ? -6.737  -7.624  5.022   1.00 12.27 ? 29  LYS A N   1 
ATOM   176 C CA  . LYS A 1 25 ? -7.867  -7.705  4.098   1.00 12.51 ? 29  LYS A CA  1 
ATOM   177 C C   . LYS A 1 25 ? -9.084  -6.976  4.676   1.00 12.59 ? 29  LYS A C   1 
ATOM   178 O O   . LYS A 1 25 ? -9.468  -7.200  5.828   1.00 12.64 ? 29  LYS A O   1 
ATOM   179 C CB  . LYS A 1 25 ? -8.208  -9.168  3.805   1.00 12.78 ? 29  LYS A CB  1 
ATOM   180 C CG  . LYS A 1 25 ? -9.402  -9.359  2.878   1.00 13.67 ? 29  LYS A CG  1 
ATOM   181 C CD  . LYS A 1 25 ? -9.670  -10.827 2.613   1.00 15.33 ? 29  LYS A CD  1 
ATOM   182 C CE  . LYS A 1 25 ? -10.684 -10.999 1.495   1.00 16.63 ? 29  LYS A CE  1 
ATOM   183 N NZ  . LYS A 1 25 ? -10.901 -12.439 1.214   1.00 17.12 ? 29  LYS A NZ  1 
ATOM   184 N N   . GLY A 1 26 ? -9.666  -6.087  3.879   1.00 12.52 ? 30  GLY A N   1 
ATOM   185 C CA  . GLY A 1 26 ? -10.864 -5.362  4.286   1.00 12.32 ? 30  GLY A CA  1 
ATOM   186 C C   . GLY A 1 26 ? -10.590 -3.982  4.845   1.00 12.06 ? 30  GLY A C   1 
ATOM   187 O O   . GLY A 1 26 ? -11.512 -3.183  4.991   1.00 12.59 ? 30  GLY A O   1 
ATOM   188 N N   . ASP A 1 27 ? -9.328  -3.699  5.162   1.00 12.06 ? 31  ASP A N   1 
ATOM   189 C CA  . ASP A 1 27 ? -8.933  -2.379  5.645   1.00 11.99 ? 31  ASP A CA  1 
ATOM   190 C C   . ASP A 1 27 ? -9.125  -1.343  4.548   1.00 11.77 ? 31  ASP A C   1 
ATOM   191 O O   . ASP A 1 27 ? -8.882  -1.618  3.371   1.00 11.60 ? 31  ASP A O   1 
ATOM   192 C CB  . ASP A 1 27 ? -7.461  -2.358  6.090   1.00 12.09 ? 31  ASP A CB  1 
ATOM   193 C CG  . ASP A 1 27 ? -7.225  -3.056  7.425   1.00 12.24 ? 31  ASP A CG  1 
ATOM   194 O OD1 . ASP A 1 27 ? -8.193  -3.352  8.155   1.00 12.51 ? 31  ASP A OD1 1 
ATOM   195 O OD2 . ASP A 1 27 ? -6.046  -3.301  7.748   1.00 11.14 ? 31  ASP A OD2 1 
ATOM   196 N N   . VAL A 1 28 ? -9.562  -0.151  4.944   1.00 11.57 ? 32  VAL A N   1 
ATOM   197 C CA  . VAL A 1 28 ? -9.699  0.965   4.019   1.00 11.38 ? 32  VAL A CA  1 
ATOM   198 C C   . VAL A 1 28 ? -8.447  1.838   4.086   1.00 11.33 ? 32  VAL A C   1 
ATOM   199 O O   . VAL A 1 28 ? -8.060  2.319   5.162   1.00 11.30 ? 32  VAL A O   1 
ATOM   200 C CB  . VAL A 1 28 ? -10.979 1.789   4.295   1.00 11.57 ? 32  VAL A CB  1 
ATOM   201 C CG1 . VAL A 1 28 ? -10.988 3.076   3.473   1.00 11.52 ? 32  VAL A CG1 1 
ATOM   202 C CG2 . VAL A 1 28 ? -12.215 0.954   3.994   1.00 11.59 ? 32  VAL A CG2 1 
ATOM   203 N N   . ILE A 1 29 ? -7.810  2.022   2.928   1.00 11.08 ? 33  ILE A N   1 
ATOM   204 C CA  . ILE A 1 29 ? -6.578  2.802   2.822   1.00 10.76 ? 33  ILE A CA  1 
ATOM   205 C C   . ILE A 1 29 ? -6.839  4.037   1.973   1.00 10.91 ? 33  ILE A C   1 
ATOM   206 O O   . ILE A 1 29 ? -7.565  3.981   0.979   1.00 10.80 ? 33  ILE A O   1 
ATOM   207 C CB  . ILE A 1 29 ? -5.397  1.973   2.218   1.00 10.79 ? 33  ILE A CB  1 
ATOM   208 C CG1 . ILE A 1 29 ? -5.121  0.716   3.042   1.00 10.38 ? 33  ILE A CG1 1 
ATOM   209 C CG2 . ILE A 1 29 ? -4.122  2.808   2.120   1.00 10.45 ? 33  ILE A CG2 1 
ATOM   210 C CD1 . ILE A 1 29 ? -5.736  -0.542  2.464   1.00 11.13 ? 33  ILE A CD1 1 
ATOM   211 N N   . HIS A 1 30 ? -6.253  5.155   2.382   1.00 11.04 ? 34  HIS A N   1 
ATOM   212 C CA  . HIS A 1 30 ? -6.378  6.394   1.640   1.00 11.32 ? 34  HIS A CA  1 
ATOM   213 C C   . HIS A 1 30 ? -5.107  6.661   0.860   1.00 11.09 ? 34  HIS A C   1 
ATOM   214 O O   . HIS A 1 30 ? -4.035  6.812   1.437   1.00 10.93 ? 34  HIS A O   1 
ATOM   215 C CB  . HIS A 1 30 ? -6.765  7.533   2.582   1.00 11.52 ? 34  HIS A CB  1 
ATOM   216 C CG  . HIS A 1 30 ? -8.138  7.363   3.146   1.00 12.45 ? 34  HIS A CG  1 
ATOM   217 N ND1 . HIS A 1 30 ? -9.241  7.991   2.614   1.00 13.46 ? 34  HIS A ND1 1 
ATOM   218 C CD2 . HIS A 1 30 ? -8.599  6.568   4.141   1.00 13.48 ? 34  HIS A CD2 1 
ATOM   219 C CE1 . HIS A 1 30 ? -10.321 7.613   3.275   1.00 14.22 ? 34  HIS A CE1 1 
ATOM   220 N NE2 . HIS A 1 30 ? -9.958  6.753   4.211   1.00 13.65 ? 34  HIS A NE2 1 
ATOM   221 N N   . VAL A 1 31 ? -5.251  6.685   -0.462  1.00 11.09 ? 35  VAL A N   1 
ATOM   222 C CA  . VAL A 1 31 ? -4.126  6.811   -1.385  1.00 11.06 ? 35  VAL A CA  1 
ATOM   223 C C   . VAL A 1 31 ? -3.575  8.232   -1.361  1.00 11.19 ? 35  VAL A C   1 
ATOM   224 O O   . VAL A 1 31 ? -4.309  9.196   -1.583  1.00 11.29 ? 35  VAL A O   1 
ATOM   225 C CB  . VAL A 1 31 ? -4.532  6.413   -2.833  1.00 11.21 ? 35  VAL A CB  1 
ATOM   226 C CG1 . VAL A 1 31 ? -3.361  6.599   -3.802  1.00 11.33 ? 35  VAL A CG1 1 
ATOM   227 C CG2 . VAL A 1 31 ? -5.027  4.971   -2.877  1.00 10.83 ? 35  VAL A CG2 1 
ATOM   228 N N   . THR A 1 32 ? -2.278  8.350   -1.092  1.00 10.98 ? 36  THR A N   1 
ATOM   229 C CA  . THR A 1 32 ? -1.625  9.650   -1.047  1.00 11.05 ? 36  THR A CA  1 
ATOM   230 C C   . THR A 1 32 ? -0.783  9.932   -2.288  1.00 10.97 ? 36  THR A C   1 
ATOM   231 O O   . THR A 1 32 ? -0.526  11.090  -2.616  1.00 11.28 ? 36  THR A O   1 
ATOM   232 C CB  . THR A 1 32 ? -0.759  9.796   0.202   1.00 10.96 ? 36  THR A CB  1 
ATOM   233 O OG1 . THR A 1 32 ? 0.167   8.705   0.272   1.00 11.13 ? 36  THR A OG1 1 
ATOM   234 C CG2 . THR A 1 32 ? -1.630  9.808   1.457   1.00 11.34 ? 36  THR A CG2 1 
ATOM   235 N N   . ARG A 1 33 ? -0.345  8.872   -2.968  1.00 10.71 ? 37  ARG A N   1 
ATOM   236 C CA  . ARG A 1 33 ? 0.412   9.014   -4.208  1.00 10.24 ? 37  ARG A CA  1 
ATOM   237 C C   . ARG A 1 33 ? 0.234   7.819   -5.138  1.00 9.88  ? 37  ARG A C   1 
ATOM   238 O O   . ARG A 1 33 ? 0.466   6.674   -4.748  1.00 9.69  ? 37  ARG A O   1 
ATOM   239 C CB  . ARG A 1 33 ? 1.897   9.241   -3.913  1.00 10.07 ? 37  ARG A CB  1 
ATOM   240 C CG  . ARG A 1 33 ? 2.725   9.583   -5.138  1.00 10.18 ? 37  ARG A CG  1 
ATOM   241 C CD  . ARG A 1 33 ? 4.145   9.932   -4.742  1.00 9.71  ? 37  ARG A CD  1 
ATOM   242 N NE  . ARG A 1 33 ? 4.978   10.235  -5.902  1.00 10.52 ? 37  ARG A NE  1 
ATOM   243 C CZ  . ARG A 1 33 ? 5.063   11.430  -6.483  1.00 10.44 ? 37  ARG A CZ  1 
ATOM   244 N NH1 . ARG A 1 33 ? 4.354   12.459  -6.028  1.00 8.99  ? 37  ARG A NH1 1 
ATOM   245 N NH2 . ARG A 1 33 ? 5.859   11.594  -7.532  1.00 9.76  ? 37  ARG A NH2 1 
ATOM   246 N N   . VAL A 1 34 ? -0.177  8.108   -6.370  1.00 9.70  ? 38  VAL A N   1 
ATOM   247 C CA  . VAL A 1 34 ? -0.281  7.101   -7.426  1.00 9.67  ? 38  VAL A CA  1 
ATOM   248 C C   . VAL A 1 34 ? 0.948   7.217   -8.322  1.00 9.84  ? 38  VAL A C   1 
ATOM   249 O O   . VAL A 1 34 ? 1.212   8.276   -8.888  1.00 10.07 ? 38  VAL A O   1 
ATOM   250 C CB  . VAL A 1 34 ? -1.577  7.271   -8.285  1.00 9.64  ? 38  VAL A CB  1 
ATOM   251 C CG1 . VAL A 1 34 ? -1.626  6.251   -9.419  1.00 8.71  ? 38  VAL A CG1 1 
ATOM   252 C CG2 . VAL A 1 34 ? -2.825  7.141   -7.423  1.00 9.68  ? 38  VAL A CG2 1 
ATOM   253 N N   . GLU A 1 35 ? 1.713   6.135   -8.407  1.00 9.83  ? 39  GLU A N   1 
ATOM   254 C CA  . GLU A 1 35 ? 2.751   5.992   -9.417  1.00 10.02 ? 39  GLU A CA  1 
ATOM   255 C C   . GLU A 1 35 ? 2.507   4.663   -10.112 1.00 10.36 ? 39  GLU A C   1 
ATOM   256 O O   . GLU A 1 35 ? 1.915   3.752   -9.537  1.00 10.33 ? 39  GLU A O   1 
ATOM   257 C CB  . GLU A 1 35 ? 4.153   6.021   -8.789  1.00 9.94  ? 39  GLU A CB  1 
ATOM   258 C CG  . GLU A 1 35 ? 4.570   7.371   -8.192  1.00 9.18  ? 39  GLU A CG  1 
ATOM   259 C CD  . GLU A 1 35 ? 6.030   7.403   -7.776  1.00 9.98  ? 39  GLU A CD  1 
ATOM   260 O OE1 . GLU A 1 35 ? 6.789   6.497   -8.179  1.00 11.52 ? 39  GLU A OE1 1 
ATOM   261 O OE2 . GLU A 1 35 ? 6.423   8.328   -7.038  1.00 8.99  ? 39  GLU A OE2 1 
ATOM   262 N N   . GLU A 1 36 ? 2.943   4.549   -11.357 1.00 10.78 ? 40  GLU A N   1 
ATOM   263 C CA  . GLU A 1 36 ? 2.841   3.273   -12.047 1.00 10.83 ? 40  GLU A CA  1 
ATOM   264 C C   . GLU A 1 36 ? 4.026   2.405   -11.632 1.00 10.98 ? 40  GLU A C   1 
ATOM   265 O O   . GLU A 1 36 ? 4.994   2.909   -11.065 1.00 11.28 ? 40  GLU A O   1 
ATOM   266 C CB  . GLU A 1 36 ? 2.780   3.473   -13.564 1.00 10.85 ? 40  GLU A CB  1 
ATOM   267 C CG  . GLU A 1 36 ? 1.754   4.515   -14.029 1.00 11.66 ? 40  GLU A CG  1 
ATOM   268 C CD  . GLU A 1 36 ? 0.306   4.120   -13.768 1.00 12.39 ? 40  GLU A CD  1 
ATOM   269 O OE1 . GLU A 1 36 ? 0.040   2.971   -13.350 1.00 13.09 ? 40  GLU A OE1 1 
ATOM   270 O OE2 . GLU A 1 36 ? -0.577  4.972   -13.993 1.00 12.35 ? 40  GLU A OE2 1 
ATOM   271 N N   . GLY A 1 37 ? 3.946   1.107   -11.891 1.00 10.66 ? 41  GLY A N   1 
ATOM   272 C CA  . GLY A 1 37 ? 5.035   0.202   -11.520 1.00 10.36 ? 41  GLY A CA  1 
ATOM   273 C C   . GLY A 1 37 ? 4.700   -0.807  -10.432 1.00 9.92  ? 41  GLY A C   1 
ATOM   274 O O   . GLY A 1 37 ? 5.528   -1.654  -10.095 1.00 10.58 ? 41  GLY A O   1 
ATOM   275 N N   . GLY A 1 38 ? 3.498   -0.709  -9.868  1.00 9.47  ? 42  GLY A N   1 
ATOM   276 C CA  . GLY A 1 38 ? 3.018   -1.701  -8.905  1.00 8.86  ? 42  GLY A CA  1 
ATOM   277 C C   . GLY A 1 38 ? 2.997   -1.263  -7.451  1.00 8.74  ? 42  GLY A C   1 
ATOM   278 O O   . GLY A 1 38 ? 2.583   -2.030  -6.578  1.00 8.55  ? 42  GLY A O   1 
ATOM   279 N N   . TRP A 1 39 ? 3.440   -0.033  -7.192  1.00 8.45  ? 43  TRP A N   1 
ATOM   280 C CA  . TRP A 1 39 ? 3.453   0.535   -5.844  1.00 8.12  ? 43  TRP A CA  1 
ATOM   281 C C   . TRP A 1 39 ? 2.697   1.856   -5.777  1.00 7.99  ? 43  TRP A C   1 
ATOM   282 O O   . TRP A 1 39 ? 2.890   2.734   -6.622  1.00 7.97  ? 43  TRP A O   1 
ATOM   283 C CB  . TRP A 1 39 ? 4.887   0.776   -5.372  1.00 8.14  ? 43  TRP A CB  1 
ATOM   284 C CG  . TRP A 1 39 ? 5.710   -0.457  -5.162  1.00 7.87  ? 43  TRP A CG  1 
ATOM   285 C CD1 . TRP A 1 39 ? 6.661   -0.955  -5.998  1.00 8.04  ? 43  TRP A CD1 1 
ATOM   286 C CD2 . TRP A 1 39 ? 5.669   -1.336  -4.033  1.00 8.10  ? 43  TRP A CD2 1 
ATOM   287 N NE1 . TRP A 1 39 ? 7.214   -2.096  -5.466  1.00 9.00  ? 43  TRP A NE1 1 
ATOM   288 C CE2 . TRP A 1 39 ? 6.623   -2.353  -4.258  1.00 7.83  ? 43  TRP A CE2 1 
ATOM   289 C CE3 . TRP A 1 39 ? 4.921   -1.362  -2.847  1.00 7.61  ? 43  TRP A CE3 1 
ATOM   290 C CZ2 . TRP A 1 39 ? 6.851   -3.386  -3.344  1.00 8.22  ? 43  TRP A CZ2 1 
ATOM   291 C CZ3 . TRP A 1 39 ? 5.145   -2.396  -1.937  1.00 8.34  ? 43  TRP A CZ3 1 
ATOM   292 C CH2 . TRP A 1 39 ? 6.102   -3.391  -2.194  1.00 8.18  ? 43  TRP A CH2 1 
ATOM   293 N N   . TRP A 1 40 ? 1.846   1.981   -4.758  1.00 7.99  ? 44  TRP A N   1 
ATOM   294 C CA  . TRP A 1 40 ? 1.197   3.242   -4.396  1.00 8.14  ? 44  TRP A CA  1 
ATOM   295 C C   . TRP A 1 40 ? 1.550   3.601   -2.957  1.00 8.13  ? 44  TRP A C   1 
ATOM   296 O O   . TRP A 1 40 ? 1.868   2.719   -2.152  1.00 7.83  ? 44  TRP A O   1 
ATOM   297 C CB  . TRP A 1 40 ? -0.327  3.135   -4.477  1.00 8.26  ? 44  TRP A CB  1 
ATOM   298 C CG  . TRP A 1 40 ? -0.901  2.993   -5.849  1.00 8.55  ? 44  TRP A CG  1 
ATOM   299 C CD1 . TRP A 1 40 ? -0.262  3.196   -7.040  1.00 8.96  ? 44  TRP A CD1 1 
ATOM   300 C CD2 . TRP A 1 40 ? -2.250  2.647   -6.170  1.00 8.42  ? 44  TRP A CD2 1 
ATOM   301 N NE1 . TRP A 1 40 ? -1.125  2.975   -8.084  1.00 8.76  ? 44  TRP A NE1 1 
ATOM   302 C CE2 . TRP A 1 40 ? -2.354  2.640   -7.579  1.00 9.11  ? 44  TRP A CE2 1 
ATOM   303 C CE3 . TRP A 1 40 ? -3.381  2.328   -5.403  1.00 9.13  ? 44  TRP A CE3 1 
ATOM   304 C CZ2 . TRP A 1 40 ? -3.546  2.324   -8.242  1.00 8.76  ? 44  TRP A CZ2 1 
ATOM   305 C CZ3 . TRP A 1 40 ? -4.570  2.013   -6.063  1.00 9.30  ? 44  TRP A CZ3 1 
ATOM   306 C CH2 . TRP A 1 40 ? -4.640  2.016   -7.468  1.00 9.34  ? 44  TRP A CH2 1 
ATOM   307 N N   . GLU A 1 41 ? 1.495   4.892   -2.647  1.00 8.16  ? 45  GLU A N   1 
ATOM   308 C CA  . GLU A 1 41 ? 1.631   5.366   -1.274  1.00 8.55  ? 45  GLU A CA  1 
ATOM   309 C C   . GLU A 1 41 ? 0.240   5.623   -0.707  1.00 8.81  ? 45  GLU A C   1 
ATOM   310 O O   . GLU A 1 41 ? -0.652  6.074   -1.420  1.00 8.52  ? 45  GLU A O   1 
ATOM   311 C CB  . GLU A 1 41 ? 2.466   6.647   -1.212  1.00 8.36  ? 45  GLU A CB  1 
ATOM   312 C CG  . GLU A 1 41 ? 3.073   6.939   0.164   1.00 8.78  ? 45  GLU A CG  1 
ATOM   313 C CD  . GLU A 1 41 ? 3.558   8.370   0.300   1.00 9.32  ? 45  GLU A CD  1 
ATOM   314 O OE1 . GLU A 1 41 ? 2.783   9.298   -0.011  1.00 10.84 ? 45  GLU A OE1 1 
ATOM   315 O OE2 . GLU A 1 41 ? 4.710   8.570   0.733   1.00 12.11 ? 45  GLU A OE2 1 
ATOM   316 N N   . GLY A 1 42 ? 0.059   5.330   0.576   1.00 9.43  ? 46  GLY A N   1 
ATOM   317 C CA  . GLY A 1 42 ? -1.222  5.544   1.220   1.00 10.54 ? 46  GLY A CA  1 
ATOM   318 C C   . GLY A 1 42 ? -1.114  5.648   2.722   1.00 11.42 ? 46  GLY A C   1 
ATOM   319 O O   . GLY A 1 42 ? -0.034  5.449   3.289   1.00 10.86 ? 46  GLY A O   1 
ATOM   320 N N   A THR A 1 43 ? -2.232  5.960   3.372   0.50 11.99 ? 47  THR A N   1 
ATOM   321 N N   B THR A 1 43 ? -2.242  5.974   3.355   0.50 11.88 ? 47  THR A N   1 
ATOM   322 C CA  A THR A 1 43 ? -2.268  6.071   4.828   0.50 12.75 ? 47  THR A CA  1 
ATOM   323 C CA  B THR A 1 43 ? -2.340  6.086   4.810   0.50 12.53 ? 47  THR A CA  1 
ATOM   324 C C   A THR A 1 43 ? -3.413  5.264   5.452   0.50 13.24 ? 47  THR A C   1 
ATOM   325 C C   B THR A 1 43 ? -3.395  5.136   5.369   0.50 13.11 ? 47  THR A C   1 
ATOM   326 O O   A THR A 1 43 ? -4.550  5.295   4.973   0.50 13.11 ? 47  THR A O   1 
ATOM   327 O O   B THR A 1 43 ? -4.468  4.965   4.781   0.50 12.96 ? 47  THR A O   1 
ATOM   328 C CB  A THR A 1 43 ? -2.269  7.557   5.306   0.50 12.79 ? 47  THR A CB  1 
ATOM   329 C CB  B THR A 1 43 ? -2.711  7.520   5.267   0.50 12.47 ? 47  THR A CB  1 
ATOM   330 O OG1 A THR A 1 43 ? -2.430  7.619   6.730   0.50 13.09 ? 47  THR A OG1 1 
ATOM   331 O OG1 B THR A 1 43 ? -4.046  7.829   4.856   0.50 12.62 ? 47  THR A OG1 1 
ATOM   332 C CG2 A THR A 1 43 ? -3.369  8.362   4.630   0.50 12.84 ? 47  THR A CG2 1 
ATOM   333 C CG2 B THR A 1 43 ? -1.760  8.550   4.691   0.50 12.15 ? 47  THR A CG2 1 
ATOM   334 N N   . HIS A 1 44 ? -3.080  4.523   6.506   1.00 13.74 ? 48  HIS A N   1 
ATOM   335 C CA  . HIS A 1 44 ? -4.040  3.697   7.237   1.00 15.15 ? 48  HIS A CA  1 
ATOM   336 C C   . HIS A 1 44 ? -3.715  3.793   8.719   1.00 16.05 ? 48  HIS A C   1 
ATOM   337 O O   . HIS A 1 44 ? -2.554  3.659   9.105   1.00 15.71 ? 48  HIS A O   1 
ATOM   338 C CB  . HIS A 1 44 ? -3.983  2.233   6.776   1.00 15.22 ? 48  HIS A CB  1 
ATOM   339 C CG  . HIS A 1 44 ? -4.850  1.311   7.577   1.00 16.49 ? 48  HIS A CG  1 
ATOM   340 N ND1 . HIS A 1 44 ? -6.227  1.374   7.553   1.00 17.84 ? 48  HIS A ND1 1 
ATOM   341 C CD2 . HIS A 1 44 ? -4.536  0.304   8.425   1.00 17.05 ? 48  HIS A CD2 1 
ATOM   342 C CE1 . HIS A 1 44 ? -6.724  0.448   8.354   1.00 18.09 ? 48  HIS A CE1 1 
ATOM   343 N NE2 . HIS A 1 44 ? -5.717  -0.213  8.897   1.00 18.22 ? 48  HIS A NE2 1 
ATOM   344 N N   . ASN A 1 45 ? -4.741  4.045   9.535   1.00 17.38 ? 49  ASN A N   1 
ATOM   345 C CA  . ASN A 1 45 ? -4.600  4.110   10.992  1.00 18.80 ? 49  ASN A CA  1 
ATOM   346 C C   . ASN A 1 45 ? -3.371  4.913   11.447  1.00 19.04 ? 49  ASN A C   1 
ATOM   347 O O   . ASN A 1 45 ? -2.559  4.438   12.240  1.00 19.51 ? 49  ASN A O   1 
ATOM   348 C CB  . ASN A 1 45 ? -4.588  2.690   11.583  1.00 19.30 ? 49  ASN A CB  1 
ATOM   349 C CG  . ASN A 1 45 ? -4.816  2.671   13.091  1.00 20.87 ? 49  ASN A CG  1 
ATOM   350 O OD1 . ASN A 1 45 ? -5.572  3.482   13.639  1.00 22.60 ? 49  ASN A OD1 1 
ATOM   351 N ND2 . ASN A 1 45 ? -4.159  1.736   13.768  1.00 22.89 ? 49  ASN A ND2 1 
ATOM   352 N N   . GLY A 1 46 ? -3.223  6.121   10.906  1.00 19.44 ? 50  GLY A N   1 
ATOM   353 C CA  . GLY A 1 46 ? -2.141  7.018   11.308  1.00 19.63 ? 50  GLY A CA  1 
ATOM   354 C C   . GLY A 1 46 ? -0.740  6.724   10.792  1.00 19.80 ? 50  GLY A C   1 
ATOM   355 O O   . GLY A 1 46 ? 0.190   7.469   11.103  1.00 20.40 ? 50  GLY A O   1 
ATOM   356 N N   . ARG A 1 47 ? -0.571  5.649   10.020  1.00 19.62 ? 51  ARG A N   1 
ATOM   357 C CA  . ARG A 1 47 ? 0.720   5.350   9.383   1.00 19.41 ? 51  ARG A CA  1 
ATOM   358 C C   . ARG A 1 47 ? 0.657   5.607   7.879   1.00 18.68 ? 51  ARG A C   1 
ATOM   359 O O   . ARG A 1 47 ? -0.381  5.399   7.255   1.00 18.36 ? 51  ARG A O   1 
ATOM   360 C CB  . ARG A 1 47 ? 1.151   3.903   9.640   1.00 19.78 ? 51  ARG A CB  1 
ATOM   361 C CG  . ARG A 1 47 ? 1.479   3.577   11.086  1.00 22.08 ? 51  ARG A CG  1 
ATOM   362 C CD  . ARG A 1 47 ? 1.439   2.075   11.315  1.00 26.25 ? 51  ARG A CD  1 
ATOM   363 N NE  . ARG A 1 47 ? 0.850   1.735   12.611  1.00 30.30 ? 51  ARG A NE  1 
ATOM   364 C CZ  . ARG A 1 47 ? 1.510   1.176   13.625  1.00 32.16 ? 51  ARG A CZ  1 
ATOM   365 N NH1 . ARG A 1 47 ? 2.799   0.868   13.503  1.00 33.10 ? 51  ARG A NH1 1 
ATOM   366 N NH2 . ARG A 1 47 ? 0.874   0.914   14.764  1.00 32.54 ? 51  ARG A NH2 1 
ATOM   367 N N   . THR A 1 48 ? 1.775   6.050   7.311   1.00 18.00 ? 52  THR A N   1 
ATOM   368 C CA  . THR A 1 48 ? 1.877   6.336   5.879   1.00 17.10 ? 52  THR A CA  1 
ATOM   369 C C   . THR A 1 48 ? 3.042   5.570   5.256   1.00 16.13 ? 52  THR A C   1 
ATOM   370 O O   . THR A 1 48 ? 4.166   5.639   5.754   1.00 16.47 ? 52  THR A O   1 
ATOM   371 C CB  . THR A 1 48 ? 2.070   7.839   5.634   1.00 17.33 ? 52  THR A CB  1 
ATOM   372 O OG1 . THR A 1 48 ? 0.990   8.556   6.241   1.00 17.98 ? 52  THR A OG1 1 
ATOM   373 C CG2 . THR A 1 48 ? 2.112   8.158   4.135   1.00 17.18 ? 52  THR A CG2 1 
ATOM   374 N N   . GLY A 1 49 ? 2.771   4.852   4.166   1.00 14.37 ? 53  GLY A N   1 
ATOM   375 C CA  . GLY A 1 49 ? 3.805   4.108   3.456   1.00 12.55 ? 53  GLY A CA  1 
ATOM   376 C C   . GLY A 1 49 ? 3.337   3.529   2.135   1.00 11.23 ? 53  GLY A C   1 
ATOM   377 O O   . GLY A 1 49 ? 2.187   3.717   1.728   1.00 10.71 ? 53  GLY A O   1 
ATOM   378 N N   . TRP A 1 50 ? 4.241   2.813   1.474   1.00 10.22 ? 54  TRP A N   1 
ATOM   379 C CA  . TRP A 1 50 ? 3.971   2.227   0.173   1.00 9.11  ? 54  TRP A CA  1 
ATOM   380 C C   . TRP A 1 50 ? 3.421   0.807   0.287   1.00 8.67  ? 54  TRP A C   1 
ATOM   381 O O   . TRP A 1 50 ? 3.730   0.078   1.233   1.00 8.59  ? 54  TRP A O   1 
ATOM   382 C CB  . TRP A 1 50 ? 5.228   2.258   -0.704  1.00 8.99  ? 54  TRP A CB  1 
ATOM   383 C CG  . TRP A 1 50 ? 5.701   3.652   -1.057  1.00 8.28  ? 54  TRP A CG  1 
ATOM   384 C CD1 . TRP A 1 50 ? 6.463   4.476   -0.283  1.00 7.60  ? 54  TRP A CD1 1 
ATOM   385 C CD2 . TRP A 1 50 ? 5.441   4.371   -2.275  1.00 8.52  ? 54  TRP A CD2 1 
ATOM   386 N NE1 . TRP A 1 50 ? 6.692   5.666   -0.938  1.00 7.90  ? 54  TRP A NE1 1 
ATOM   387 C CE2 . TRP A 1 50 ? 6.084   5.626   -2.164  1.00 8.03  ? 54  TRP A CE2 1 
ATOM   388 C CE3 . TRP A 1 50 ? 4.734   4.077   -3.450  1.00 7.92  ? 54  TRP A CE3 1 
ATOM   389 C CZ2 . TRP A 1 50 ? 6.036   6.587   -3.180  1.00 8.33  ? 54  TRP A CZ2 1 
ATOM   390 C CZ3 . TRP A 1 50 ? 4.686   5.034   -4.462  1.00 8.17  ? 54  TRP A CZ3 1 
ATOM   391 C CH2 . TRP A 1 50 ? 5.334   6.273   -4.320  1.00 8.52  ? 54  TRP A CH2 1 
ATOM   392 N N   . PHE A 1 51 ? 2.588   0.430   -0.681  1.00 8.22  ? 55  PHE A N   1 
ATOM   393 C CA  . PHE A 1 51 ? 1.930   -0.879  -0.702  1.00 7.82  ? 55  PHE A CA  1 
ATOM   394 C C   . PHE A 1 51 ? 1.650   -1.297  -2.154  1.00 7.48  ? 55  PHE A C   1 
ATOM   395 O O   . PHE A 1 51 ? 1.620   -0.450  -3.051  1.00 7.53  ? 55  PHE A O   1 
ATOM   396 C CB  . PHE A 1 51 ? 0.624   -0.838  0.103   1.00 7.56  ? 55  PHE A CB  1 
ATOM   397 C CG  . PHE A 1 51 ? -0.404  0.099   -0.466  1.00 7.50  ? 55  PHE A CG  1 
ATOM   398 C CD1 . PHE A 1 51 ? -1.286  -0.330  -1.455  1.00 7.11  ? 55  PHE A CD1 1 
ATOM   399 C CD2 . PHE A 1 51 ? -0.480  1.415   -0.028  1.00 7.67  ? 55  PHE A CD2 1 
ATOM   400 C CE1 . PHE A 1 51 ? -2.222  0.541   -1.997  1.00 6.33  ? 55  PHE A CE1 1 
ATOM   401 C CE2 . PHE A 1 51 ? -1.420  2.291   -0.569  1.00 8.02  ? 55  PHE A CE2 1 
ATOM   402 C CZ  . PHE A 1 51 ? -2.289  1.849   -1.555  1.00 7.24  ? 55  PHE A CZ  1 
ATOM   403 N N   . PRO A 1 52 ? 1.448   -2.601  -2.396  1.00 7.40  ? 56  PRO A N   1 
ATOM   404 C CA  . PRO A 1 52 ? 1.242   -3.018  -3.781  1.00 7.49  ? 56  PRO A CA  1 
ATOM   405 C C   . PRO A 1 52 ? -0.127  -2.598  -4.308  1.00 7.65  ? 56  PRO A C   1 
ATOM   406 O O   . PRO A 1 52 ? -1.144  -2.896  -3.688  1.00 7.58  ? 56  PRO A O   1 
ATOM   407 C CB  . PRO A 1 52 ? 1.358   -4.551  -3.711  1.00 7.06  ? 56  PRO A CB  1 
ATOM   408 C CG  . PRO A 1 52 ? 1.918   -4.856  -2.356  1.00 7.04  ? 56  PRO A CG  1 
ATOM   409 C CD  . PRO A 1 52 ? 1.425   -3.754  -1.483  1.00 7.33  ? 56  PRO A CD  1 
ATOM   410 N N   . SER A 1 53 ? -0.139  -1.902  -5.444  1.00 8.22  ? 57  SER A N   1 
ATOM   411 C CA  . SER A 1 53 ? -1.378  -1.389  -6.024  1.00 9.04  ? 57  SER A CA  1 
ATOM   412 C C   . SER A 1 53 ? -2.394  -2.474  -6.395  1.00 9.28  ? 57  SER A C   1 
ATOM   413 O O   . SER A 1 53 ? -3.593  -2.214  -6.395  1.00 9.70  ? 57  SER A O   1 
ATOM   414 C CB  . SER A 1 53 ? -1.089  -0.477  -7.223  1.00 8.88  ? 57  SER A CB  1 
ATOM   415 O OG  . SER A 1 53 ? -0.168  -1.063  -8.122  1.00 9.70  ? 57  SER A OG  1 
ATOM   416 N N   . ASN A 1 54 ? -1.925  -3.680  -6.712  1.00 10.26 ? 58  ASN A N   1 
ATOM   417 C CA  . ASN A 1 54 ? -2.844  -4.778  -7.044  1.00 10.55 ? 58  ASN A CA  1 
ATOM   418 C C   . ASN A 1 54 ? -3.324  -5.559  -5.815  1.00 10.65 ? 58  ASN A C   1 
ATOM   419 O O   . ASN A 1 54 ? -4.035  -6.558  -5.939  1.00 10.71 ? 58  ASN A O   1 
ATOM   420 C CB  . ASN A 1 54 ? -2.276  -5.698  -8.146  1.00 10.92 ? 58  ASN A CB  1 
ATOM   421 C CG  . ASN A 1 54 ? -1.249  -6.706  -7.631  1.00 12.47 ? 58  ASN A CG  1 
ATOM   422 O OD1 . ASN A 1 54 ? -0.732  -6.593  -6.515  1.00 14.47 ? 58  ASN A OD1 1 
ATOM   423 N ND2 . ASN A 1 54 ? -0.934  -7.695  -8.467  1.00 15.14 ? 58  ASN A ND2 1 
ATOM   424 N N   . TYR A 1 55 ? -2.935  -5.089  -4.632  1.00 10.65 ? 59  TYR A N   1 
ATOM   425 C CA  . TYR A 1 55 ? -3.402  -5.665  -3.374  1.00 10.69 ? 59  TYR A CA  1 
ATOM   426 C C   . TYR A 1 55 ? -4.677  -4.974  -2.883  1.00 11.12 ? 59  TYR A C   1 
ATOM   427 O O   . TYR A 1 55 ? -5.260  -5.382  -1.875  1.00 11.16 ? 59  TYR A O   1 
ATOM   428 C CB  . TYR A 1 55 ? -2.307  -5.569  -2.303  1.00 10.22 ? 59  TYR A CB  1 
ATOM   429 C CG  . TYR A 1 55 ? -1.382  -6.769  -2.211  1.00 9.94  ? 59  TYR A CG  1 
ATOM   430 C CD1 . TYR A 1 55 ? -0.738  -7.273  -3.337  1.00 8.70  ? 59  TYR A CD1 1 
ATOM   431 C CD2 . TYR A 1 55 ? -1.127  -7.377  -0.981  1.00 9.23  ? 59  TYR A CD2 1 
ATOM   432 C CE1 . TYR A 1 55 ? 0.125   -8.362  -3.248  1.00 9.28  ? 59  TYR A CE1 1 
ATOM   433 C CE2 . TYR A 1 55 ? -0.271  -8.465  -0.877  1.00 8.96  ? 59  TYR A CE2 1 
ATOM   434 C CZ  . TYR A 1 55 ? 0.344   -8.958  -2.019  1.00 9.74  ? 59  TYR A CZ  1 
ATOM   435 O OH  . TYR A 1 55 ? 1.193   -10.031 -1.925  1.00 10.06 ? 59  TYR A OH  1 
ATOM   436 N N   . VAL A 1 56 ? -5.096  -3.927  -3.590  1.00 11.68 ? 60  VAL A N   1 
ATOM   437 C CA  . VAL A 1 56 ? -6.255  -3.121  -3.185  1.00 12.32 ? 60  VAL A CA  1 
ATOM   438 C C   . VAL A 1 56 ? -7.273  -2.956  -4.320  1.00 13.39 ? 60  VAL A C   1 
ATOM   439 O O   . VAL A 1 56 ? -6.944  -3.151  -5.490  1.00 13.01 ? 60  VAL A O   1 
ATOM   440 C CB  . VAL A 1 56 ? -5.839  -1.712  -2.642  1.00 12.13 ? 60  VAL A CB  1 
ATOM   441 C CG1 . VAL A 1 56 ? -4.877  -1.834  -1.468  1.00 11.77 ? 60  VAL A CG1 1 
ATOM   442 C CG2 . VAL A 1 56 ? -5.228  -0.850  -3.740  1.00 12.09 ? 60  VAL A CG2 1 
ATOM   443 N N   . ARG A 1 57 ? -8.507  -2.609  -3.959  1.00 14.67 ? 61  ARG A N   1 
ATOM   444 C CA  . ARG A 1 57 ? -9.549  -2.272  -4.929  1.00 16.97 ? 61  ARG A CA  1 
ATOM   445 C C   . ARG A 1 57 ? -10.153 -0.918  -4.588  1.00 17.60 ? 61  ARG A C   1 
ATOM   446 O O   . ARG A 1 57 ? -10.489 -0.656  -3.431  1.00 17.56 ? 61  ARG A O   1 
ATOM   447 C CB  . ARG A 1 57 ? -10.655 -3.333  -4.939  1.00 16.77 ? 61  ARG A CB  1 
ATOM   448 C CG  . ARG A 1 57 ? -11.913 -2.921  -5.724  1.00 18.14 ? 61  ARG A CG  1 
ATOM   449 C CD  . ARG A 1 57 ? -13.086 -3.859  -5.461  1.00 18.66 ? 61  ARG A CD  1 
ATOM   450 N NE  . ARG A 1 57 ? -12.663 -5.249  -5.567  1.00 21.89 ? 61  ARG A NE  1 
ATOM   451 C CZ  . ARG A 1 57 ? -12.492 -5.897  -6.713  1.00 23.51 ? 61  ARG A CZ  1 
ATOM   452 N NH1 . ARG A 1 57 ? -12.732 -5.295  -7.873  1.00 24.59 ? 61  ARG A NH1 1 
ATOM   453 N NH2 . ARG A 1 57 ? -12.089 -7.159  -6.693  1.00 24.40 ? 61  ARG A NH2 1 
ATOM   454 N N   . GLU A 1 58 ? -10.306 -0.067  -5.597  1.00 18.93 ? 62  GLU A N   1 
ATOM   455 C CA  . GLU A 1 58 ? -10.924 1.238   -5.398  1.00 20.45 ? 62  GLU A CA  1 
ATOM   456 C C   . GLU A 1 58 ? -12.373 1.092   -4.935  1.00 20.99 ? 62  GLU A C   1 
ATOM   457 O O   . GLU A 1 58 ? -13.101 0.221   -5.415  1.00 21.39 ? 62  GLU A O   1 
ATOM   458 C CB  . GLU A 1 58 ? -10.849 2.063   -6.681  1.00 20.61 ? 62  GLU A CB  1 
ATOM   459 C CG  . GLU A 1 58 ? -11.276 3.515   -6.514  1.00 22.84 ? 62  GLU A CG  1 
ATOM   460 C CD  . GLU A 1 58 ? -10.988 4.356   -7.738  1.00 25.53 ? 62  GLU A CD  1 
ATOM   461 O OE1 . GLU A 1 58 ? -10.649 5.546   -7.564  1.00 27.54 ? 62  GLU A OE1 1 
ATOM   462 O OE2 . GLU A 1 58 ? -11.094 3.832   -8.873  1.00 26.95 ? 62  GLU A OE2 1 
ATOM   463 N N   . ILE A 1 59 ? -12.761 1.927   -3.973  1.00 21.82 ? 63  ILE A N   1 
ATOM   464 C CA  . ILE A 1 59 ? -14.152 2.063   -3.547  1.00 22.49 ? 63  ILE A CA  1 
ATOM   465 C C   . ILE A 1 59 ? -14.764 3.273   -4.256  1.00 22.94 ? 63  ILE A C   1 
ATOM   466 O O   . ILE A 1 59 ? -14.164 4.357   -4.291  1.00 23.19 ? 63  ILE A O   1 
ATOM   467 C CB  . ILE A 1 59 ? -14.271 2.288   -2.023  1.00 22.60 ? 63  ILE A CB  1 
ATOM   468 C CG1 . ILE A 1 59 ? -13.655 1.135   -1.240  1.00 22.50 ? 63  ILE A CG1 1 
ATOM   469 C CG2 . ILE A 1 59 ? -15.735 2.484   -1.620  1.00 23.47 ? 63  ILE A CG2 1 
ATOM   470 C CD1 . ILE A 1 59 ? -13.386 1.478   0.225   1.00 23.00 ? 63  ILE A CD1 1 
ATOM   471 N N   . PRO B 2 5  ? 7.490   17.785  5.632   1.00 23.60 ? 209 PRO T N   1 
ATOM   472 C CA  . PRO B 2 5  ? 7.984   16.532  6.204   1.00 23.10 ? 209 PRO T CA  1 
ATOM   473 C C   . PRO B 2 5  ? 8.351   15.535  5.112   1.00 22.49 ? 209 PRO T C   1 
ATOM   474 O O   . PRO B 2 5  ? 7.604   15.379  4.134   1.00 22.44 ? 209 PRO T O   1 
ATOM   475 C CB  . PRO B 2 5  ? 6.786   16.021  7.011   1.00 23.39 ? 209 PRO T CB  1 
ATOM   476 C CG  . PRO B 2 5  ? 6.043   17.255  7.388   1.00 23.74 ? 209 PRO T CG  1 
ATOM   477 C CD  . PRO B 2 5  ? 6.190   18.179  6.204   1.00 23.83 ? 209 PRO T CD  1 
ATOM   478 N N   . SER B 2 6  ? 9.491   14.868  5.272   1.00 21.51 ? 210 SER T N   1 
ATOM   479 C CA  . SER B 2 6  ? 9.974   13.966  4.235   1.00 20.59 ? 210 SER T CA  1 
ATOM   480 C C   . SER B 2 6  ? 9.148   12.684  4.176   1.00 19.76 ? 210 SER T C   1 
ATOM   481 O O   . SER B 2 6  ? 8.711   12.151  5.201   1.00 19.61 ? 210 SER T O   1 
ATOM   482 C CB  . SER B 2 6  ? 11.465  13.665  4.396   1.00 20.66 ? 210 SER T CB  1 
ATOM   483 O OG  . SER B 2 6  ? 11.724  12.972  5.597   1.00 22.28 ? 210 SER T OG  1 
ATOM   484 N N   . ARG B 2 7  ? 8.918   12.217  2.959   1.00 18.65 ? 211 ARG T N   1 
ATOM   485 C CA  . ARG B 2 7  ? 8.107   11.037  2.716   1.00 17.90 ? 211 ARG T CA  1 
ATOM   486 C C   . ARG B 2 7  ? 9.012   9.876   2.330   1.00 16.93 ? 211 ARG T C   1 
ATOM   487 O O   . ARG B 2 7  ? 10.121  10.101  1.840   1.00 16.47 ? 211 ARG T O   1 
ATOM   488 C CB  . ARG B 2 7  ? 7.094   11.324  1.605   1.00 17.99 ? 211 ARG T CB  1 
ATOM   489 C CG  . ARG B 2 7  ? 6.199   12.519  1.878   1.00 19.79 ? 211 ARG T CG  1 
ATOM   490 C CD  . ARG B 2 7  ? 5.143   12.208  2.922   1.00 22.97 ? 211 ARG T CD  1 
ATOM   491 N NE  . ARG B 2 7  ? 4.025   11.481  2.331   1.00 25.43 ? 211 ARG T NE  1 
ATOM   492 C CZ  . ARG B 2 7  ? 2.918   12.050  1.858   1.00 26.77 ? 211 ARG T CZ  1 
ATOM   493 N NH1 . ARG B 2 7  ? 2.759   13.369  1.910   1.00 28.73 ? 211 ARG T NH1 1 
ATOM   494 N NH2 . ARG B 2 7  ? 1.961   11.299  1.337   1.00 26.35 ? 211 ARG T NH2 1 
ATOM   495 N N   . PRO B 2 8  ? 8.554   8.629   2.564   1.00 16.18 ? 212 PRO T N   1 
ATOM   496 C CA  . PRO B 2 8  ? 9.380   7.488   2.217   1.00 15.78 ? 212 PRO T CA  1 
ATOM   497 C C   . PRO B 2 8  ? 9.481   7.322   0.705   1.00 15.37 ? 212 PRO T C   1 
ATOM   498 O O   . PRO B 2 8  ? 8.508   7.581   -0.015  1.00 15.35 ? 212 PRO T O   1 
ATOM   499 C CB  . PRO B 2 8  ? 8.625   6.306   2.833   1.00 15.71 ? 212 PRO T CB  1 
ATOM   500 C CG  . PRO B 2 8  ? 7.217   6.737   2.871   1.00 15.76 ? 212 PRO T CG  1 
ATOM   501 C CD  . PRO B 2 8  ? 7.266   8.212   3.154   1.00 16.38 ? 212 PRO T CD  1 
ATOM   502 N N   . PRO B 2 9  ? 10.657  6.902   0.225   1.00 15.10 ? 213 PRO T N   1 
ATOM   503 C CA  . PRO B 2 9  ? 10.829  6.611   -1.190  1.00 14.61 ? 213 PRO T CA  1 
ATOM   504 C C   . PRO B 2 9  ? 10.041  5.365   -1.595  1.00 14.34 ? 213 PRO T C   1 
ATOM   505 O O   . PRO B 2 9  ? 9.803   4.476   -0.769  1.00 13.91 ? 213 PRO T O   1 
ATOM   506 C CB  . PRO B 2 9  ? 12.332  6.353   -1.307  1.00 14.52 ? 213 PRO T CB  1 
ATOM   507 C CG  . PRO B 2 9  ? 12.730  5.870   0.044   1.00 14.91 ? 213 PRO T CG  1 
ATOM   508 C CD  . PRO B 2 9  ? 11.895  6.668   0.992   1.00 15.11 ? 213 PRO T CD  1 
ATOM   509 N N   . ARG B 2 10 ? 9.617   5.329   -2.853  1.00 14.24 ? 214 ARG T N   1 
ATOM   510 C CA  . ARG B 2 10 ? 8.971   4.161   -3.442  1.00 14.37 ? 214 ARG T CA  1 
ATOM   511 C C   . ARG B 2 10 ? 9.927   2.969   -3.351  1.00 14.02 ? 214 ARG T C   1 
ATOM   512 O O   . ARG B 2 10 ? 11.122  3.130   -3.598  1.00 13.94 ? 214 ARG T O   1 
ATOM   513 C CB  . ARG B 2 10 ? 8.646   4.468   -4.906  1.00 14.78 ? 214 ARG T CB  1 
ATOM   514 C CG  . ARG B 2 10 ? 7.991   3.354   -5.694  1.00 16.41 ? 214 ARG T CG  1 
ATOM   515 C CD  . ARG B 2 10 ? 7.963   3.713   -7.174  1.00 20.74 ? 214 ARG T CD  1 
ATOM   516 N NE  . ARG B 2 10 ? 7.538   2.592   -8.011  1.00 23.62 ? 214 ARG T NE  1 
ATOM   517 C CZ  . ARG B 2 10 ? 8.358   1.693   -8.550  1.00 25.31 ? 214 ARG T CZ  1 
ATOM   518 N NH1 . ARG B 2 10 ? 9.674   1.767   -8.351  1.00 26.51 ? 214 ARG T NH1 1 
ATOM   519 N NH2 . ARG B 2 10 ? 7.863   0.711   -9.295  1.00 25.68 ? 214 ARG T NH2 1 
ATOM   520 N N   . PRO B 2 11 ? 9.413   1.778   -2.975  1.00 13.79 ? 215 PRO T N   1 
ATOM   521 C CA  . PRO B 2 11 ? 10.269  0.594   -2.879  1.00 13.82 ? 215 PRO T CA  1 
ATOM   522 C C   . PRO B 2 11 ? 11.039  0.332   -4.163  1.00 14.03 ? 215 PRO T C   1 
ATOM   523 O O   . PRO B 2 11 ? 10.492  0.482   -5.261  1.00 13.87 ? 215 PRO T O   1 
ATOM   524 C CB  . PRO B 2 11 ? 9.271   -0.541  -2.620  1.00 13.78 ? 215 PRO T CB  1 
ATOM   525 C CG  . PRO B 2 11 ? 8.123   0.121   -1.951  1.00 13.26 ? 215 PRO T CG  1 
ATOM   526 C CD  . PRO B 2 11 ? 8.020   1.470   -2.598  1.00 13.70 ? 215 PRO T CD  1 
ATOM   527 N N   . SER B 2 12 ? 12.310  -0.031  -4.011  1.00 14.40 ? 216 SER T N   1 
ATOM   528 C CA  . SER B 2 12 ? 13.150  -0.408  -5.145  1.00 14.97 ? 216 SER T CA  1 
ATOM   529 C C   . SER B 2 12 ? 12.919  -1.870  -5.522  1.00 14.86 ? 216 SER T C   1 
ATOM   530 O O   . SER B 2 12 ? 13.178  -2.277  -6.657  1.00 15.20 ? 216 SER T O   1 
ATOM   531 C CB  . SER B 2 12 ? 14.626  -0.155  -4.829  1.00 15.06 ? 216 SER T CB  1 
ATOM   532 O OG  . SER B 2 12 ? 15.044  -0.917  -3.713  1.00 16.86 ? 216 SER T OG  1 
ATOM   533 N N   . ARG B 2 13 ? 12.425  -2.653  -4.569  1.00 14.71 ? 217 ARG T N   1 
ATOM   534 C CA  . ARG B 2 13 ? 12.111  -4.055  -4.814  1.00 14.37 ? 217 ARG T CA  1 
ATOM   535 C C   . ARG B 2 13 ? 10.863  -4.164  -5.690  1.00 14.40 ? 217 ARG T C   1 
ATOM   536 O O   . ARG B 2 13 ? 10.024  -3.264  -5.687  1.00 14.03 ? 217 ARG T O   1 
ATOM   537 C CB  . ARG B 2 13 ? 11.939  -4.825  -3.497  1.00 14.31 ? 217 ARG T CB  1 
ATOM   538 C CG  . ARG B 2 13 ? 10.660  -4.533  -2.722  1.00 14.03 ? 217 ARG T CG  1 
ATOM   539 C CD  . ARG B 2 13 ? 10.687  -5.246  -1.375  1.00 13.94 ? 217 ARG T CD  1 
ATOM   540 N NE  . ARG B 2 13 ? 9.459   -5.069  -0.602  1.00 11.82 ? 217 ARG T NE  1 
ATOM   541 C CZ  . ARG B 2 13 ? 8.467   -5.954  -0.553  1.00 12.35 ? 217 ARG T CZ  1 
ATOM   542 N NH1 . ARG B 2 13 ? 8.544   -7.088  -1.242  1.00 12.77 ? 217 ARG T NH1 1 
ATOM   543 N NH2 . ARG B 2 13 ? 7.395   -5.710  0.189   1.00 11.00 ? 217 ARG T NH2 1 
ATOM   544 N N   . PRO B 2 14 ? 10.751  -5.257  -6.463  1.00 14.60 ? 218 PRO T N   1 
ATOM   545 C CA  . PRO B 2 14 ? 9.552   -5.423  -7.278  1.00 14.53 ? 218 PRO T CA  1 
ATOM   546 C C   . PRO B 2 14 ? 8.336   -5.667  -6.390  1.00 14.32 ? 218 PRO T C   1 
ATOM   547 O O   . PRO B 2 14 ? 8.484   -6.187  -5.281  1.00 13.89 ? 218 PRO T O   1 
ATOM   548 C CB  . PRO B 2 14 ? 9.864   -6.671  -8.105  1.00 14.58 ? 218 PRO T CB  1 
ATOM   549 C CG  . PRO B 2 14 ? 10.846  -7.437  -7.286  1.00 15.12 ? 218 PRO T CG  1 
ATOM   550 C CD  . PRO B 2 14 ? 11.695  -6.378  -6.634  1.00 14.73 ? 218 PRO T CD  1 
ATOM   551 N N   . PRO B 2 15 ? 7.137   -5.287  -6.864  1.00 14.39 ? 219 PRO T N   1 
ATOM   552 C CA  . PRO B 2 15 ? 5.958   -5.569  -6.051  1.00 14.44 ? 219 PRO T CA  1 
ATOM   553 C C   . PRO B 2 15 ? 5.765   -7.081  -5.909  1.00 14.81 ? 219 PRO T C   1 
ATOM   554 O O   . PRO B 2 15 ? 6.026   -7.819  -6.862  1.00 14.47 ? 219 PRO T O   1 
ATOM   555 C CB  . PRO B 2 15 ? 4.814   -4.934  -6.849  1.00 14.42 ? 219 PRO T CB  1 
ATOM   556 C CG  . PRO B 2 15 ? 5.325   -4.818  -8.239  1.00 14.41 ? 219 PRO T CG  1 
ATOM   557 C CD  . PRO B 2 15 ? 6.796   -4.607  -8.128  1.00 14.30 ? 219 PRO T CD  1 
ATOM   558 N N   . PRO B 2 16 ? 5.343   -7.541  -4.718  1.00 15.02 ? 220 PRO T N   1 
ATOM   559 C CA  . PRO B 2 16 ? 5.172   -8.972  -4.513  1.00 15.44 ? 220 PRO T CA  1 
ATOM   560 C C   . PRO B 2 16 ? 3.960   -9.485  -5.275  1.00 16.13 ? 220 PRO T C   1 
ATOM   561 O O   . PRO B 2 16 ? 3.016   -8.727  -5.492  1.00 16.23 ? 220 PRO T O   1 
ATOM   562 C CB  . PRO B 2 16 ? 4.933   -9.085  -3.003  1.00 15.52 ? 220 PRO T CB  1 
ATOM   563 C CG  . PRO B 2 16 ? 4.358   -7.778  -2.609  1.00 14.96 ? 220 PRO T CG  1 
ATOM   564 C CD  . PRO B 2 16 ? 5.000   -6.763  -3.513  1.00 15.22 ? 220 PRO T CD  1 
ATOM   565 N N   . PRO B 2 17 ? 3.975   -10.763 -5.682  1.00 16.87 ? 221 PRO T N   1 
ATOM   566 C CA  . PRO B 2 17 ? 2.770   -11.299 -6.300  1.00 17.40 ? 221 PRO T CA  1 
ATOM   567 C C   . PRO B 2 17 ? 1.657   -11.417 -5.264  1.00 17.76 ? 221 PRO T C   1 
ATOM   568 O O   . PRO B 2 17 ? 1.937   -11.522 -4.066  1.00 17.47 ? 221 PRO T O   1 
ATOM   569 C CB  . PRO B 2 17 ? 3.208   -12.686 -6.771  1.00 17.46 ? 221 PRO T CB  1 
ATOM   570 C CG  . PRO B 2 17 ? 4.328   -13.059 -5.855  1.00 17.35 ? 221 PRO T CG  1 
ATOM   571 C CD  . PRO B 2 17 ? 5.049   -11.771 -5.600  1.00 17.10 ? 221 PRO T CD  1 
ATOM   572 N N   . THR B 2 18 ? 0.410   -11.383 -5.725  1.00 18.45 ? 222 THR T N   1 
ATOM   573 C CA  . THR B 2 18 ? -0.744  -11.563 -4.849  1.00 19.34 ? 222 THR T CA  1 
ATOM   574 C C   . THR B 2 18 ? -0.736  -12.989 -4.293  1.00 19.92 ? 222 THR T C   1 
ATOM   575 O O   . THR B 2 18 ? -0.305  -13.913 -4.989  1.00 20.10 ? 222 THR T O   1 
ATOM   576 C CB  . THR B 2 18 ? -2.072  -11.289 -5.593  1.00 19.27 ? 222 THR T CB  1 
ATOM   577 O OG1 . THR B 2 18 ? -2.140  -12.107 -6.766  1.00 19.89 ? 222 THR T OG1 1 
ATOM   578 C CG2 . THR B 2 18 ? -2.169  -9.822  -5.996  1.00 19.29 ? 222 THR T CG2 1 
ATOM   579 N N   . PRO B 2 19 ? -1.183  -13.172 -3.033  1.00 20.59 ? 223 PRO T N   1 
ATOM   580 C CA  . PRO B 2 19 ? -1.201  -14.520 -2.454  1.00 21.27 ? 223 PRO T CA  1 
ATOM   581 C C   . PRO B 2 19 ? -2.131  -15.463 -3.222  1.00 22.03 ? 223 PRO T C   1 
ATOM   582 O O   . PRO B 2 19 ? -3.227  -15.059 -3.625  1.00 22.14 ? 223 PRO T O   1 
ATOM   583 C CB  . PRO B 2 19 ? -1.710  -14.292 -1.027  1.00 21.06 ? 223 PRO T CB  1 
ATOM   584 C CG  . PRO B 2 19 ? -2.401  -12.982 -1.061  1.00 21.07 ? 223 PRO T CG  1 
ATOM   585 C CD  . PRO B 2 19 ? -1.681  -12.159 -2.084  1.00 20.50 ? 223 PRO T CD  1 
ATOM   586 N N   . ARG B 2 20 ? -1.684  -16.701 -3.429  1.00 23.03 ? 224 ARG T N   1 
ATOM   587 C CA  . ARG B 2 20 ? -2.426  -17.672 -4.244  1.00 23.73 ? 224 ARG T CA  1 
ATOM   588 C C   . ARG B 2 20 ? -3.342  -18.558 -3.405  1.00 24.24 ? 224 ARG T C   1 
ATOM   589 O O   . ARG B 2 20 ? -2.972  -19.000 -2.312  1.00 25.06 ? 224 ARG T O   1 
ATOM   590 C CB  . ARG B 2 20 ? -1.463  -18.525 -5.078  1.00 23.87 ? 224 ARG T CB  1 
HETATM 591 S S   . SO4 C 3 .  ? -12.431 -8.115  -3.260  1.00 39.10 ? 81  SO4 A S   1 
HETATM 592 O O1  . SO4 C 3 .  ? -11.719 -8.661  -4.418  1.00 38.69 ? 81  SO4 A O1  1 
HETATM 593 O O2  . SO4 C 3 .  ? -12.411 -6.655  -3.326  1.00 38.76 ? 81  SO4 A O2  1 
HETATM 594 O O3  . SO4 C 3 .  ? -11.766 -8.551  -2.034  1.00 39.42 ? 81  SO4 A O3  1 
HETATM 595 O O4  . SO4 C 3 .  ? -13.822 -8.580  -3.249  1.00 38.01 ? 81  SO4 A O4  1 
HETATM 596 C C1  . GOL D 4 .  ? -7.275  5.575   -7.704  1.00 43.78 ? 71  GOL A C1  1 
HETATM 597 O O1  . GOL D 4 .  ? -6.075  5.195   -7.068  1.00 43.76 ? 71  GOL A O1  1 
HETATM 598 C C2  . GOL D 4 .  ? -6.980  5.925   -9.158  1.00 43.73 ? 71  GOL A C2  1 
HETATM 599 O O2  . GOL D 4 .  ? -8.024  6.714   -9.685  1.00 43.52 ? 71  GOL A O2  1 
HETATM 600 C C3  . GOL D 4 .  ? -6.856  4.641   -9.970  1.00 43.50 ? 71  GOL A C3  1 
HETATM 601 O O3  . GOL D 4 .  ? -6.213  4.933   -11.186 1.00 43.05 ? 71  GOL A O3  1 
HETATM 602 O O   . HOH E 5 .  ? 1.060   -4.215  -7.313  1.00 8.22  ? 82  HOH A O   1 
HETATM 603 O O   . HOH E 5 .  ? 1.283   1.094   -9.573  1.00 6.20  ? 83  HOH A O   1 
HETATM 604 O O   . HOH E 5 .  ? 2.615   -9.721  2.443   1.00 12.21 ? 84  HOH A O   1 
HETATM 605 O O   . HOH E 5 .  ? 1.691   -6.874  -6.697  1.00 11.35 ? 85  HOH A O   1 
HETATM 606 O O   . HOH E 5 .  ? 12.463  -6.942  6.880   1.00 14.19 ? 86  HOH A O   1 
HETATM 607 O O   . HOH E 5 .  ? -9.839  -5.428  8.118   1.00 17.41 ? 87  HOH A O   1 
HETATM 608 O O   . HOH E 5 .  ? 4.032   2.038   7.687   1.00 14.41 ? 88  HOH A O   1 
HETATM 609 O O   . HOH E 5 .  ? 2.001   0.272   8.597   1.00 22.23 ? 89  HOH A O   1 
HETATM 610 O O   . HOH E 5 .  ? 10.838  -0.582  0.389   1.00 13.15 ? 90  HOH A O   1 
HETATM 611 O O   . HOH E 5 .  ? -9.106  -9.187  7.701   1.00 16.87 ? 91  HOH A O   1 
HETATM 612 O O   . HOH E 5 .  ? -0.885  10.743  -6.976  1.00 17.83 ? 92  HOH A O   1 
HETATM 613 O O   . HOH E 5 .  ? -1.570  3.031   -10.971 1.00 8.61  ? 93  HOH A O   1 
HETATM 614 O O   . HOH E 5 .  ? -11.936 5.990   -4.315  1.00 25.72 ? 94  HOH A O   1 
HETATM 615 O O   . HOH E 5 .  ? -4.749  -3.658  10.134  1.00 25.74 ? 95  HOH A O   1 
HETATM 616 O O   . HOH E 5 .  ? -6.034  -1.805  -7.669  1.00 23.79 ? 96  HOH A O   1 
HETATM 617 O O   . HOH E 5 .  ? 6.985   4.684   -10.641 1.00 28.73 ? 97  HOH A O   1 
HETATM 618 O O   . HOH E 5 .  ? 8.164   -1.680  -10.827 1.00 20.97 ? 98  HOH A O   1 
HETATM 619 O O   . HOH E 5 .  ? -13.471 -6.609  2.550   0.50 27.71 ? 99  HOH A O   1 
HETATM 620 O O   . HOH E 5 .  ? 5.360   1.383   9.895   1.00 26.11 ? 100 HOH A O   1 
HETATM 621 O O   . HOH E 5 .  ? -9.313  -7.595  10.125  1.00 35.39 ? 101 HOH A O   1 
HETATM 622 O O   . HOH E 5 .  ? -1.353  1.189   9.919   1.00 35.64 ? 102 HOH A O   1 
HETATM 623 O O   . HOH E 5 .  ? -8.942  4.224   6.777   1.00 25.62 ? 103 HOH A O   1 
HETATM 624 O O   . HOH E 5 .  ? -7.589  -3.823  10.813  1.00 31.71 ? 104 HOH A O   1 
HETATM 625 O O   . HOH E 5 .  ? -5.155  -12.266 2.683   1.00 33.25 ? 105 HOH A O   1 
HETATM 626 O O   . HOH E 5 .  ? -0.224  -0.479  -10.704 1.00 13.72 ? 106 HOH A O   1 
HETATM 627 O O   . HOH E 5 .  ? 2.242   12.946  -4.136  1.00 27.25 ? 107 HOH A O   1 
HETATM 628 O O   . HOH E 5 .  ? -5.147  -8.436  -7.481  1.00 26.77 ? 108 HOH A O   1 
HETATM 629 O O   . HOH E 5 .  ? -0.530  -7.366  8.125   1.00 29.64 ? 109 HOH A O   1 
HETATM 630 O O   . HOH E 5 .  ? -6.884  -10.623 7.795   1.00 32.60 ? 110 HOH A O   1 
HETATM 631 O O   . HOH E 5 .  ? 12.628  -5.044  1.941   1.00 28.09 ? 111 HOH A O   1 
HETATM 632 O O   . HOH E 5 .  ? -1.110  -11.568 1.696   1.00 27.40 ? 112 HOH A O   1 
HETATM 633 O O   . HOH E 5 .  ? -6.058  10.475  0.435   1.00 33.73 ? 113 HOH A O   1 
HETATM 634 O O   . HOH E 5 .  ? -0.011  12.745  -5.328  1.00 33.40 ? 114 HOH A O   1 
HETATM 635 O O   . HOH E 5 .  ? 14.175  1.168   2.831   1.00 33.47 ? 115 HOH A O   1 
HETATM 636 O O   . HOH E 5 .  ? 14.809  -2.898  3.262   1.00 39.49 ? 116 HOH A O   1 
HETATM 637 O O   . HOH E 5 .  ? -13.234 -12.035 -1.022  1.00 37.29 ? 117 HOH A O   1 
HETATM 638 O O   . HOH E 5 .  ? -11.683 -7.226  0.537   1.00 29.28 ? 118 HOH A O   1 
HETATM 639 O O   . HOH E 5 .  ? -4.591  7.636   8.909   1.00 33.46 ? 119 HOH A O   1 
HETATM 640 O O   . HOH E 5 .  ? 6.716   5.931   6.094   1.00 31.61 ? 120 HOH A O   1 
HETATM 641 O O   . HOH E 5 .  ? -1.659  13.252  -1.385  1.00 33.64 ? 121 HOH A O   1 
HETATM 642 O O   . HOH E 5 .  ? -0.142  6.932   -16.298 1.00 38.26 ? 122 HOH A O   1 
HETATM 643 O O   . HOH E 5 .  ? -9.827  -0.908  -8.258  1.00 28.51 ? 123 HOH A O   1 
HETATM 644 O O   . HOH E 5 .  ? -6.756  -4.554  -9.104  1.00 30.21 ? 124 HOH A O   1 
HETATM 645 O O   . HOH E 5 .  ? -7.799  -13.359 0.387   1.00 37.15 ? 125 HOH A O   1 
HETATM 646 O O   . HOH E 5 .  ? -10.228 -11.114 -2.188  1.00 40.00 ? 126 HOH A O   1 
HETATM 647 O O   . HOH E 5 .  ? 5.560   -8.852  2.565   1.00 39.11 ? 127 HOH A O   1 
HETATM 648 O O   . HOH E 5 .  ? -3.099  4.415   -13.958 1.00 29.82 ? 128 HOH A O   1 
HETATM 649 O O   . HOH E 5 .  ? 4.161   5.848   9.345   1.00 37.80 ? 129 HOH A O   1 
HETATM 650 O O   . HOH E 5 .  ? 3.418   -9.635  -0.030  1.00 37.42 ? 130 HOH A O   1 
HETATM 651 O O   . HOH E 5 .  ? 8.443   8.702   -5.218  0.50 21.34 ? 131 HOH A O   1 
HETATM 652 O O   . HOH F 5 .  ? 11.140  2.120   0.048   1.00 17.11 ? 5   HOH T O   1 
HETATM 653 O O   . HOH F 5 .  ? 12.592  -1.685  -1.487  1.00 14.93 ? 6   HOH T O   1 
HETATM 654 O O   . HOH F 5 .  ? 4.807   -8.965  -8.993  1.00 16.08 ? 14  HOH T O   1 
HETATM 655 O O   . HOH F 5 .  ? 10.565  7.515   -4.571  1.00 15.24 ? 16  HOH T O   1 
HETATM 656 O O   . HOH F 5 .  ? -3.934  -14.111 -5.954  1.00 18.82 ? 18  HOH T O   1 
HETATM 657 O O   . HOH F 5 .  ? 12.621  10.670  2.237   1.00 22.58 ? 21  HOH T O   1 
HETATM 658 O O   . HOH F 5 .  ? 9.901   -0.917  -7.440  1.00 19.87 ? 26  HOH T O   1 
HETATM 659 O O   . HOH F 5 .  ? 12.390  -3.628  -8.896  1.00 30.12 ? 27  HOH T O   1 
HETATM 660 O O   . HOH F 5 .  ? 4.899   2.303   -8.427  1.00 5.32  ? 33  HOH T O   1 
HETATM 661 O O   . HOH F 5 .  ? 13.640  2.011   -1.763  1.00 33.79 ? 41  HOH T O   1 
HETATM 662 O O   . HOH F 5 .  ? 6.290   -8.414  0.053   1.00 36.05 ? 43  HOH T O   1 
HETATM 663 O O   . HOH F 5 .  ? 9.781   -7.845  -3.633  1.00 26.42 ? 45  HOH T O   1 
HETATM 664 O O   . HOH F 5 .  ? 12.686  -8.439  -3.418  1.00 28.83 ? 46  HOH T O   1 
HETATM 665 O O   . HOH F 5 .  ? 8.283   -10.071 -6.395  1.00 27.77 ? 48  HOH T O   1 
HETATM 666 O O   . HOH F 5 .  ? 13.790  -3.747  -0.397  1.00 29.14 ? 52  HOH T O   1 
HETATM 667 O O   . HOH F 5 .  ? 3.189   -13.309 -2.539  1.00 33.74 ? 57  HOH T O   1 
HETATM 668 O O   . HOH F 5 .  ? -0.640  -15.085 -7.519  1.00 36.52 ? 58  HOH T O   1 
HETATM 669 O O   . HOH F 5 .  ? 0.213   -10.689 -8.537  1.00 34.35 ? 59  HOH T O   1 
HETATM 670 O O   . HOH F 5 .  ? 8.957   12.440  8.009   1.00 29.17 ? 63  HOH T O   1 
# 
loop_
_pdbx_poly_seq_scheme.asym_id 
_pdbx_poly_seq_scheme.entity_id 
_pdbx_poly_seq_scheme.seq_id 
_pdbx_poly_seq_scheme.mon_id 
_pdbx_poly_seq_scheme.ndb_seq_num 
_pdbx_poly_seq_scheme.pdb_seq_num 
_pdbx_poly_seq_scheme.auth_seq_num 
_pdbx_poly_seq_scheme.pdb_mon_id 
_pdbx_poly_seq_scheme.auth_mon_id 
_pdbx_poly_seq_scheme.pdb_strand_id 
_pdbx_poly_seq_scheme.pdb_ins_code 
_pdbx_poly_seq_scheme.hetero 
A 1 1  GLY 1  5   ?   ?   ?   A . n 
A 1 2  PRO 2  6   ?   ?   ?   A . n 
A 1 3  LEU 3  7   ?   ?   ?   A . n 
A 1 4  GLY 4  8   ?   ?   ?   A . n 
A 1 5  SER 5  9   9   SER SER A . n 
A 1 6  VAL 6  10  10  VAL VAL A . n 
A 1 7  VAL 7  11  11  VAL VAL A . n 
A 1 8  ARG 8  12  12  ARG ARG A . n 
A 1 9  ALA 9  13  13  ALA ALA A . n 
A 1 10 LYS 10 14  14  LYS LYS A . n 
A 1 11 PHE 11 15  15  PHE PHE A . n 
A 1 12 ASN 12 16  16  ASN ASN A . n 
A 1 13 PHE 13 17  17  PHE PHE A . n 
A 1 14 GLN 14 18  18  GLN GLN A . n 
A 1 15 GLN 15 19  19  GLN GLN A . n 
A 1 16 THR 16 20  20  THR THR A . n 
A 1 17 ASN 17 21  21  ASN ASN A . n 
A 1 18 GLU 18 22  22  GLU GLU A . n 
A 1 19 ASP 19 23  23  ASP ASP A . n 
A 1 20 GLU 20 24  24  GLU GLU A . n 
A 1 21 LEU 21 25  25  LEU LEU A . n 
A 1 22 SER 22 26  26  SER SER A . n 
A 1 23 PHE 23 27  27  PHE PHE A . n 
A 1 24 SER 24 28  28  SER SER A . n 
A 1 25 LYS 25 29  29  LYS LYS A . n 
A 1 26 GLY 26 30  30  GLY GLY A . n 
A 1 27 ASP 27 31  31  ASP ASP A . n 
A 1 28 VAL 28 32  32  VAL VAL A . n 
A 1 29 ILE 29 33  33  ILE ILE A . n 
A 1 30 HIS 30 34  34  HIS HIS A . n 
A 1 31 VAL 31 35  35  VAL VAL A . n 
A 1 32 THR 32 36  36  THR THR A . n 
A 1 33 ARG 33 37  37  ARG ARG A . n 
A 1 34 VAL 34 38  38  VAL VAL A . n 
A 1 35 GLU 35 39  39  GLU GLU A . n 
A 1 36 GLU 36 40  40  GLU GLU A . n 
A 1 37 GLY 37 41  41  GLY GLY A . n 
A 1 38 GLY 38 42  42  GLY GLY A . n 
A 1 39 TRP 39 43  43  TRP TRP A . n 
A 1 40 TRP 40 44  44  TRP TRP A . n 
A 1 41 GLU 41 45  45  GLU GLU A . n 
A 1 42 GLY 42 46  46  GLY GLY A . n 
A 1 43 THR 43 47  47  THR THR A . n 
A 1 44 HIS 44 48  48  HIS HIS A . n 
A 1 45 ASN 45 49  49  ASN ASN A . n 
A 1 46 GLY 46 50  50  GLY GLY A . n 
A 1 47 ARG 47 51  51  ARG ARG A . n 
A 1 48 THR 48 52  52  THR THR A . n 
A 1 49 GLY 49 53  53  GLY GLY A . n 
A 1 50 TRP 50 54  54  TRP TRP A . n 
A 1 51 PHE 51 55  55  PHE PHE A . n 
A 1 52 PRO 52 56  56  PRO PRO A . n 
A 1 53 SER 53 57  57  SER SER A . n 
A 1 54 ASN 54 58  58  ASN ASN A . n 
A 1 55 TYR 55 59  59  TYR TYR A . n 
A 1 56 VAL 56 60  60  VAL VAL A . n 
A 1 57 ARG 57 61  61  ARG ARG A . n 
A 1 58 GLU 58 62  62  GLU GLU A . n 
A 1 59 ILE 59 63  63  ILE ILE A . n 
B 2 1  GLY 1  205 ?   ?   ?   T . n 
B 2 2  GLY 2  206 ?   ?   ?   T . n 
B 2 3  PHE 3  207 ?   ?   ?   T . n 
B 2 4  LYS 4  208 ?   ?   ?   T . n 
B 2 5  PRO 5  209 209 PRO PRO T . n 
B 2 6  SER 6  210 210 SER SER T . n 
B 2 7  ARG 7  211 211 ARG ARG T . n 
B 2 8  PRO 8  212 212 PRO PRO T . n 
B 2 9  PRO 9  213 213 PRO PRO T . n 
B 2 10 ARG 10 214 214 ARG ARG T . n 
B 2 11 PRO 11 215 215 PRO PRO T . n 
B 2 12 SER 12 216 216 SER SER T . n 
B 2 13 ARG 13 217 217 ARG ARG T . n 
B 2 14 PRO 14 218 218 PRO PRO T . n 
B 2 15 PRO 15 219 219 PRO PRO T . n 
B 2 16 PRO 16 220 220 PRO PRO T . n 
B 2 17 PRO 17 221 221 PRO PRO T . n 
B 2 18 THR 18 222 222 THR THR T . n 
B 2 19 PRO 19 223 223 PRO PRO T . n 
B 2 20 ARG 20 224 224 ARG ARG T . n 
B 2 21 ARG 21 225 ?   ?   ?   T . n 
B 2 22 PRO 22 226 ?   ?   ?   T . n 
B 2 23 ALA 23 227 ?   ?   ?   T . n 
B 2 24 SER 24 228 ?   ?   ?   T . n 
B 2 25 VAL 25 229 ?   ?   ?   T . n 
# 
loop_
_pdbx_nonpoly_scheme.asym_id 
_pdbx_nonpoly_scheme.entity_id 
_pdbx_nonpoly_scheme.mon_id 
_pdbx_nonpoly_scheme.ndb_seq_num 
_pdbx_nonpoly_scheme.pdb_seq_num 
_pdbx_nonpoly_scheme.auth_seq_num 
_pdbx_nonpoly_scheme.pdb_mon_id 
_pdbx_nonpoly_scheme.auth_mon_id 
_pdbx_nonpoly_scheme.pdb_strand_id 
_pdbx_nonpoly_scheme.pdb_ins_code 
C 3 SO4 1  81  81 SO4 SO4 A . 
D 4 GOL 1  71  71 GOL GOL A . 
E 5 HOH 1  82  1  HOH HOH A . 
E 5 HOH 2  83  2  HOH HOH A . 
E 5 HOH 3  84  3  HOH HOH A . 
E 5 HOH 4  85  4  HOH HOH A . 
E 5 HOH 5  86  7  HOH HOH A . 
E 5 HOH 6  87  8  HOH HOH A . 
E 5 HOH 7  88  9  HOH HOH A . 
E 5 HOH 8  89  10 HOH HOH A . 
E 5 HOH 9  90  11 HOH HOH A . 
E 5 HOH 10 91  12 HOH HOH A . 
E 5 HOH 11 92  13 HOH HOH A . 
E 5 HOH 12 93  15 HOH HOH A . 
E 5 HOH 13 94  17 HOH HOH A . 
E 5 HOH 14 95  19 HOH HOH A . 
E 5 HOH 15 96  20 HOH HOH A . 
E 5 HOH 16 97  22 HOH HOH A . 
E 5 HOH 17 98  23 HOH HOH A . 
E 5 HOH 18 99  24 HOH HOH A . 
E 5 HOH 19 100 25 HOH HOH A . 
E 5 HOH 20 101 28 HOH HOH A . 
E 5 HOH 21 102 29 HOH HOH A . 
E 5 HOH 22 103 30 HOH HOH A . 
E 5 HOH 23 104 31 HOH HOH A . 
E 5 HOH 24 105 32 HOH HOH A . 
E 5 HOH 25 106 34 HOH HOH A . 
E 5 HOH 26 107 35 HOH HOH A . 
E 5 HOH 27 108 36 HOH HOH A . 
E 5 HOH 28 109 37 HOH HOH A . 
E 5 HOH 29 110 38 HOH HOH A . 
E 5 HOH 30 111 39 HOH HOH A . 
E 5 HOH 31 112 40 HOH HOH A . 
E 5 HOH 32 113 42 HOH HOH A . 
E 5 HOH 33 114 44 HOH HOH A . 
E 5 HOH 34 115 47 HOH HOH A . 
E 5 HOH 35 116 49 HOH HOH A . 
E 5 HOH 36 117 50 HOH HOH A . 
E 5 HOH 37 118 51 HOH HOH A . 
E 5 HOH 38 119 53 HOH HOH A . 
E 5 HOH 39 120 54 HOH HOH A . 
E 5 HOH 40 121 55 HOH HOH A . 
E 5 HOH 41 122 56 HOH HOH A . 
E 5 HOH 42 123 60 HOH HOH A . 
E 5 HOH 43 124 61 HOH HOH A . 
E 5 HOH 44 125 62 HOH HOH A . 
E 5 HOH 45 126 64 HOH HOH A . 
E 5 HOH 46 127 65 HOH HOH A . 
E 5 HOH 47 128 66 HOH HOH A . 
E 5 HOH 48 129 67 HOH HOH A . 
E 5 HOH 49 130 68 HOH HOH A . 
E 5 HOH 50 131 69 HOH HOH A . 
F 5 HOH 1  5   5  HOH HOH T . 
F 5 HOH 2  6   6  HOH HOH T . 
F 5 HOH 3  14  14 HOH HOH T . 
F 5 HOH 4  16  16 HOH HOH T . 
F 5 HOH 5  18  18 HOH HOH T . 
F 5 HOH 6  21  21 HOH HOH T . 
F 5 HOH 7  26  26 HOH HOH T . 
F 5 HOH 8  27  27 HOH HOH T . 
F 5 HOH 9  33  33 HOH HOH T . 
F 5 HOH 10 41  41 HOH HOH T . 
F 5 HOH 11 43  43 HOH HOH T . 
F 5 HOH 12 45  45 HOH HOH T . 
F 5 HOH 13 46  46 HOH HOH T . 
F 5 HOH 14 48  48 HOH HOH T . 
F 5 HOH 15 52  52 HOH HOH T . 
F 5 HOH 16 57  57 HOH HOH T . 
F 5 HOH 17 58  58 HOH HOH T . 
F 5 HOH 18 59  59 HOH HOH T . 
F 5 HOH 19 63  63 HOH HOH T . 
# 
loop_
_pdbx_struct_assembly.id 
_pdbx_struct_assembly.details 
_pdbx_struct_assembly.method_details 
_pdbx_struct_assembly.oligomeric_details 
_pdbx_struct_assembly.oligomeric_count 
1 author_and_software_defined_assembly PISA dimeric    2 
2 software_defined_assembly            PISA tetrameric 4 
# 
loop_
_pdbx_struct_assembly_gen.assembly_id 
_pdbx_struct_assembly_gen.oper_expression 
_pdbx_struct_assembly_gen.asym_id_list 
1 1   A,B,C,D,E,F 
2 1,2 A,B,C,D,E,F 
# 
loop_
_pdbx_struct_assembly_prop.biol_id 
_pdbx_struct_assembly_prop.type 
_pdbx_struct_assembly_prop.value 
_pdbx_struct_assembly_prop.details 
1 'ABSA (A^2)' 1640 ? 
1 MORE         -18  ? 
1 'SSA (A^2)'  4740 ? 
2 'ABSA (A^2)' 4190 ? 
2 MORE         -39  ? 
2 'SSA (A^2)'  8560 ? 
# 
loop_
_pdbx_struct_oper_list.id 
_pdbx_struct_oper_list.type 
_pdbx_struct_oper_list.name 
_pdbx_struct_oper_list.symmetry_operation 
_pdbx_struct_oper_list.matrix[1][1] 
_pdbx_struct_oper_list.matrix[1][2] 
_pdbx_struct_oper_list.matrix[1][3] 
_pdbx_struct_oper_list.vector[1] 
_pdbx_struct_oper_list.matrix[2][1] 
_pdbx_struct_oper_list.matrix[2][2] 
_pdbx_struct_oper_list.matrix[2][3] 
_pdbx_struct_oper_list.vector[2] 
_pdbx_struct_oper_list.matrix[3][1] 
_pdbx_struct_oper_list.matrix[3][2] 
_pdbx_struct_oper_list.matrix[3][3] 
_pdbx_struct_oper_list.vector[3] 
1 'identity operation'         1_555 x,y,z     1.0000000000 0.0000000000  0.0000000000 0.0000000000 0.0000000000  1.0000000000  0.0000000000  0.0000000000  0.0000000000 0.0000000000  1.0000000000  0.0000000000   
2 'crystal symmetry operation' 8_555 x-y,-y,-z 0.0496639448 -0.9477579104 0.3151006759 4.1121699507 -0.9477579104 -0.1442546339 -0.2845093038 -2.9173372036 0.3151006759 -0.2845093038 -0.9054093108 -22.4732172475 
# 
loop_
_pdbx_struct_special_symmetry.id 
_pdbx_struct_special_symmetry.PDB_model_num 
_pdbx_struct_special_symmetry.auth_asym_id 
_pdbx_struct_special_symmetry.auth_comp_id 
_pdbx_struct_special_symmetry.auth_seq_id 
_pdbx_struct_special_symmetry.PDB_ins_code 
_pdbx_struct_special_symmetry.label_asym_id 
_pdbx_struct_special_symmetry.label_comp_id 
_pdbx_struct_special_symmetry.label_seq_id 
1 1 A HOH 99  ? E HOH . 
2 1 A HOH 131 ? E HOH . 
# 
loop_
_pdbx_audit_revision_history.ordinal 
_pdbx_audit_revision_history.data_content_type 
_pdbx_audit_revision_history.major_revision 
_pdbx_audit_revision_history.minor_revision 
_pdbx_audit_revision_history.revision_date 
1 'Structure model' 1 0 2007-07-24 
2 'Structure model' 1 1 2008-05-01 
3 'Structure model' 1 2 2011-07-13 
4 'Structure model' 1 3 2023-08-30 
# 
_pdbx_audit_revision_details.ordinal             1 
_pdbx_audit_revision_details.revision_ordinal    1 
_pdbx_audit_revision_details.data_content_type   'Structure model' 
_pdbx_audit_revision_details.provider            repository 
_pdbx_audit_revision_details.type                'Initial release' 
_pdbx_audit_revision_details.description         ? 
_pdbx_audit_revision_details.details             ? 
# 
loop_
_pdbx_audit_revision_group.ordinal 
_pdbx_audit_revision_group.revision_ordinal 
_pdbx_audit_revision_group.data_content_type 
_pdbx_audit_revision_group.group 
1 2 'Structure model' 'Version format compliance' 
2 3 'Structure model' 'Non-polymer description'   
3 3 'Structure model' 'Version format compliance' 
4 4 'Structure model' 'Data collection'           
5 4 'Structure model' 'Database references'       
6 4 'Structure model' 'Derived calculations'      
7 4 'Structure model' 'Refinement description'    
# 
loop_
_pdbx_audit_revision_category.ordinal 
_pdbx_audit_revision_category.revision_ordinal 
_pdbx_audit_revision_category.data_content_type 
_pdbx_audit_revision_category.category 
1 4 'Structure model' chem_comp_atom                
2 4 'Structure model' chem_comp_bond                
3 4 'Structure model' database_2                    
4 4 'Structure model' pdbx_initial_refinement_model 
5 4 'Structure model' struct_ref_seq_dif            
6 4 'Structure model' struct_site                   
# 
loop_
_pdbx_audit_revision_item.ordinal 
_pdbx_audit_revision_item.revision_ordinal 
_pdbx_audit_revision_item.data_content_type 
_pdbx_audit_revision_item.item 
1 4 'Structure model' '_database_2.pdbx_DOI'                
2 4 'Structure model' '_database_2.pdbx_database_accession' 
3 4 'Structure model' '_struct_ref_seq_dif.details'         
4 4 'Structure model' '_struct_site.pdbx_auth_asym_id'      
5 4 'Structure model' '_struct_site.pdbx_auth_comp_id'      
6 4 'Structure model' '_struct_site.pdbx_auth_seq_id'       
# 
loop_
_software.name 
_software.version 
_software.date 
_software.type 
_software.contact_author 
_software.contact_author_email 
_software.classification 
_software.location 
_software.language 
_software.citation_id 
_software.pdbx_ordinal 
REFMAC      refmac_5.2.0019 24/04/2001       program 'Murshudov, G.N.' ccp4@dl.ac.uk            refinement        
http://www.ccp4.ac.uk/main.html  Fortran_77 ? 1 
PDB_EXTRACT 2.000           'April. 3, 2006' package PDB               sw-help@rcsb.rutgers.edu 'data extraction' 
http://pdb.rutgers.edu/software/ C++        ? 2 
HKL-2000    .               ?                ?       ?                 ?                        'data collection' ? ?          ? 3 
HKL-2000    .               ?                ?       ?                 ?                        'data reduction'  ? ?          ? 4 
HKL-2000    .               ?                ?       ?                 ?                        'data scaling'    ? ?          ? 5 
PHASER      .               ?                ?       ?                 ?                        phasing           ? ?          ? 6 
# 
loop_
_pdbx_unobs_or_zero_occ_atoms.id 
_pdbx_unobs_or_zero_occ_atoms.PDB_model_num 
_pdbx_unobs_or_zero_occ_atoms.polymer_flag 
_pdbx_unobs_or_zero_occ_atoms.occupancy_flag 
_pdbx_unobs_or_zero_occ_atoms.auth_asym_id 
_pdbx_unobs_or_zero_occ_atoms.auth_comp_id 
_pdbx_unobs_or_zero_occ_atoms.auth_seq_id 
_pdbx_unobs_or_zero_occ_atoms.PDB_ins_code 
_pdbx_unobs_or_zero_occ_atoms.auth_atom_id 
_pdbx_unobs_or_zero_occ_atoms.label_alt_id 
_pdbx_unobs_or_zero_occ_atoms.label_asym_id 
_pdbx_unobs_or_zero_occ_atoms.label_comp_id 
_pdbx_unobs_or_zero_occ_atoms.label_seq_id 
_pdbx_unobs_or_zero_occ_atoms.label_atom_id 
1 1 Y 1 T ARG 224 ? CG  ? B ARG 20 CG  
2 1 Y 1 T ARG 224 ? CD  ? B ARG 20 CD  
3 1 Y 1 T ARG 224 ? NE  ? B ARG 20 NE  
4 1 Y 1 T ARG 224 ? CZ  ? B ARG 20 CZ  
5 1 Y 1 T ARG 224 ? NH1 ? B ARG 20 NH1 
6 1 Y 1 T ARG 224 ? NH2 ? B ARG 20 NH2 
# 
loop_
_pdbx_unobs_or_zero_occ_residues.id 
_pdbx_unobs_or_zero_occ_residues.PDB_model_num 
_pdbx_unobs_or_zero_occ_residues.polymer_flag 
_pdbx_unobs_or_zero_occ_residues.occupancy_flag 
_pdbx_unobs_or_zero_occ_residues.auth_asym_id 
_pdbx_unobs_or_zero_occ_residues.auth_comp_id 
_pdbx_unobs_or_zero_occ_residues.auth_seq_id 
_pdbx_unobs_or_zero_occ_residues.PDB_ins_code 
_pdbx_unobs_or_zero_occ_residues.label_asym_id 
_pdbx_unobs_or_zero_occ_residues.label_comp_id 
_pdbx_unobs_or_zero_occ_residues.label_seq_id 
1  1 Y 1 A GLY 5   ? A GLY 1  
2  1 Y 1 A PRO 6   ? A PRO 2  
3  1 Y 1 A LEU 7   ? A LEU 3  
4  1 Y 1 A GLY 8   ? A GLY 4  
5  1 Y 1 T GLY 205 ? B GLY 1  
6  1 Y 1 T GLY 206 ? B GLY 2  
7  1 Y 1 T PHE 207 ? B PHE 3  
8  1 Y 1 T LYS 208 ? B LYS 4  
9  1 Y 1 T ARG 225 ? B ARG 21 
10 1 Y 1 T PRO 226 ? B PRO 22 
11 1 Y 1 T ALA 227 ? B ALA 23 
12 1 Y 1 T SER 228 ? B SER 24 
13 1 Y 1 T VAL 229 ? B VAL 25 
# 
loop_
_chem_comp_atom.comp_id 
_chem_comp_atom.atom_id 
_chem_comp_atom.type_symbol 
_chem_comp_atom.pdbx_aromatic_flag 
_chem_comp_atom.pdbx_stereo_config 
_chem_comp_atom.pdbx_ordinal 
ALA N    N N N 1   
ALA CA   C N S 2   
ALA C    C N N 3   
ALA O    O N N 4   
ALA CB   C N N 5   
ALA OXT  O N N 6   
ALA H    H N N 7   
ALA H2   H N N 8   
ALA HA   H N N 9   
ALA HB1  H N N 10  
ALA HB2  H N N 11  
ALA HB3  H N N 12  
ALA HXT  H N N 13  
ARG N    N N N 14  
ARG CA   C N S 15  
ARG C    C N N 16  
ARG O    O N N 17  
ARG CB   C N N 18  
ARG CG   C N N 19  
ARG CD   C N N 20  
ARG NE   N N N 21  
ARG CZ   C N N 22  
ARG NH1  N N N 23  
ARG NH2  N N N 24  
ARG OXT  O N N 25  
ARG H    H N N 26  
ARG H2   H N N 27  
ARG HA   H N N 28  
ARG HB2  H N N 29  
ARG HB3  H N N 30  
ARG HG2  H N N 31  
ARG HG3  H N N 32  
ARG HD2  H N N 33  
ARG HD3  H N N 34  
ARG HE   H N N 35  
ARG HH11 H N N 36  
ARG HH12 H N N 37  
ARG HH21 H N N 38  
ARG HH22 H N N 39  
ARG HXT  H N N 40  
ASN N    N N N 41  
ASN CA   C N S 42  
ASN C    C N N 43  
ASN O    O N N 44  
ASN CB   C N N 45  
ASN CG   C N N 46  
ASN OD1  O N N 47  
ASN ND2  N N N 48  
ASN OXT  O N N 49  
ASN H    H N N 50  
ASN H2   H N N 51  
ASN HA   H N N 52  
ASN HB2  H N N 53  
ASN HB3  H N N 54  
ASN HD21 H N N 55  
ASN HD22 H N N 56  
ASN HXT  H N N 57  
ASP N    N N N 58  
ASP CA   C N S 59  
ASP C    C N N 60  
ASP O    O N N 61  
ASP CB   C N N 62  
ASP CG   C N N 63  
ASP OD1  O N N 64  
ASP OD2  O N N 65  
ASP OXT  O N N 66  
ASP H    H N N 67  
ASP H2   H N N 68  
ASP HA   H N N 69  
ASP HB2  H N N 70  
ASP HB3  H N N 71  
ASP HD2  H N N 72  
ASP HXT  H N N 73  
GLN N    N N N 74  
GLN CA   C N S 75  
GLN C    C N N 76  
GLN O    O N N 77  
GLN CB   C N N 78  
GLN CG   C N N 79  
GLN CD   C N N 80  
GLN OE1  O N N 81  
GLN NE2  N N N 82  
GLN OXT  O N N 83  
GLN H    H N N 84  
GLN H2   H N N 85  
GLN HA   H N N 86  
GLN HB2  H N N 87  
GLN HB3  H N N 88  
GLN HG2  H N N 89  
GLN HG3  H N N 90  
GLN HE21 H N N 91  
GLN HE22 H N N 92  
GLN HXT  H N N 93  
GLU N    N N N 94  
GLU CA   C N S 95  
GLU C    C N N 96  
GLU O    O N N 97  
GLU CB   C N N 98  
GLU CG   C N N 99  
GLU CD   C N N 100 
GLU OE1  O N N 101 
GLU OE2  O N N 102 
GLU OXT  O N N 103 
GLU H    H N N 104 
GLU H2   H N N 105 
GLU HA   H N N 106 
GLU HB2  H N N 107 
GLU HB3  H N N 108 
GLU HG2  H N N 109 
GLU HG3  H N N 110 
GLU HE2  H N N 111 
GLU HXT  H N N 112 
GLY N    N N N 113 
GLY CA   C N N 114 
GLY C    C N N 115 
GLY O    O N N 116 
GLY OXT  O N N 117 
GLY H    H N N 118 
GLY H2   H N N 119 
GLY HA2  H N N 120 
GLY HA3  H N N 121 
GLY HXT  H N N 122 
GOL C1   C N N 123 
GOL O1   O N N 124 
GOL C2   C N N 125 
GOL O2   O N N 126 
GOL C3   C N N 127 
GOL O3   O N N 128 
GOL H11  H N N 129 
GOL H12  H N N 130 
GOL HO1  H N N 131 
GOL H2   H N N 132 
GOL HO2  H N N 133 
GOL H31  H N N 134 
GOL H32  H N N 135 
GOL HO3  H N N 136 
HIS N    N N N 137 
HIS CA   C N S 138 
HIS C    C N N 139 
HIS O    O N N 140 
HIS CB   C N N 141 
HIS CG   C Y N 142 
HIS ND1  N Y N 143 
HIS CD2  C Y N 144 
HIS CE1  C Y N 145 
HIS NE2  N Y N 146 
HIS OXT  O N N 147 
HIS H    H N N 148 
HIS H2   H N N 149 
HIS HA   H N N 150 
HIS HB2  H N N 151 
HIS HB3  H N N 152 
HIS HD1  H N N 153 
HIS HD2  H N N 154 
HIS HE1  H N N 155 
HIS HE2  H N N 156 
HIS HXT  H N N 157 
HOH O    O N N 158 
HOH H1   H N N 159 
HOH H2   H N N 160 
ILE N    N N N 161 
ILE CA   C N S 162 
ILE C    C N N 163 
ILE O    O N N 164 
ILE CB   C N S 165 
ILE CG1  C N N 166 
ILE CG2  C N N 167 
ILE CD1  C N N 168 
ILE OXT  O N N 169 
ILE H    H N N 170 
ILE H2   H N N 171 
ILE HA   H N N 172 
ILE HB   H N N 173 
ILE HG12 H N N 174 
ILE HG13 H N N 175 
ILE HG21 H N N 176 
ILE HG22 H N N 177 
ILE HG23 H N N 178 
ILE HD11 H N N 179 
ILE HD12 H N N 180 
ILE HD13 H N N 181 
ILE HXT  H N N 182 
LEU N    N N N 183 
LEU CA   C N S 184 
LEU C    C N N 185 
LEU O    O N N 186 
LEU CB   C N N 187 
LEU CG   C N N 188 
LEU CD1  C N N 189 
LEU CD2  C N N 190 
LEU OXT  O N N 191 
LEU H    H N N 192 
LEU H2   H N N 193 
LEU HA   H N N 194 
LEU HB2  H N N 195 
LEU HB3  H N N 196 
LEU HG   H N N 197 
LEU HD11 H N N 198 
LEU HD12 H N N 199 
LEU HD13 H N N 200 
LEU HD21 H N N 201 
LEU HD22 H N N 202 
LEU HD23 H N N 203 
LEU HXT  H N N 204 
LYS N    N N N 205 
LYS CA   C N S 206 
LYS C    C N N 207 
LYS O    O N N 208 
LYS CB   C N N 209 
LYS CG   C N N 210 
LYS CD   C N N 211 
LYS CE   C N N 212 
LYS NZ   N N N 213 
LYS OXT  O N N 214 
LYS H    H N N 215 
LYS H2   H N N 216 
LYS HA   H N N 217 
LYS HB2  H N N 218 
LYS HB3  H N N 219 
LYS HG2  H N N 220 
LYS HG3  H N N 221 
LYS HD2  H N N 222 
LYS HD3  H N N 223 
LYS HE2  H N N 224 
LYS HE3  H N N 225 
LYS HZ1  H N N 226 
LYS HZ2  H N N 227 
LYS HZ3  H N N 228 
LYS HXT  H N N 229 
PHE N    N N N 230 
PHE CA   C N S 231 
PHE C    C N N 232 
PHE O    O N N 233 
PHE CB   C N N 234 
PHE CG   C Y N 235 
PHE CD1  C Y N 236 
PHE CD2  C Y N 237 
PHE CE1  C Y N 238 
PHE CE2  C Y N 239 
PHE CZ   C Y N 240 
PHE OXT  O N N 241 
PHE H    H N N 242 
PHE H2   H N N 243 
PHE HA   H N N 244 
PHE HB2  H N N 245 
PHE HB3  H N N 246 
PHE HD1  H N N 247 
PHE HD2  H N N 248 
PHE HE1  H N N 249 
PHE HE2  H N N 250 
PHE HZ   H N N 251 
PHE HXT  H N N 252 
PRO N    N N N 253 
PRO CA   C N S 254 
PRO C    C N N 255 
PRO O    O N N 256 
PRO CB   C N N 257 
PRO CG   C N N 258 
PRO CD   C N N 259 
PRO OXT  O N N 260 
PRO H    H N N 261 
PRO HA   H N N 262 
PRO HB2  H N N 263 
PRO HB3  H N N 264 
PRO HG2  H N N 265 
PRO HG3  H N N 266 
PRO HD2  H N N 267 
PRO HD3  H N N 268 
PRO HXT  H N N 269 
SER N    N N N 270 
SER CA   C N S 271 
SER C    C N N 272 
SER O    O N N 273 
SER CB   C N N 274 
SER OG   O N N 275 
SER OXT  O N N 276 
SER H    H N N 277 
SER H2   H N N 278 
SER HA   H N N 279 
SER HB2  H N N 280 
SER HB3  H N N 281 
SER HG   H N N 282 
SER HXT  H N N 283 
SO4 S    S N N 284 
SO4 O1   O N N 285 
SO4 O2   O N N 286 
SO4 O3   O N N 287 
SO4 O4   O N N 288 
THR N    N N N 289 
THR CA   C N S 290 
THR C    C N N 291 
THR O    O N N 292 
THR CB   C N R 293 
THR OG1  O N N 294 
THR CG2  C N N 295 
THR OXT  O N N 296 
THR H    H N N 297 
THR H2   H N N 298 
THR HA   H N N 299 
THR HB   H N N 300 
THR HG1  H N N 301 
THR HG21 H N N 302 
THR HG22 H N N 303 
THR HG23 H N N 304 
THR HXT  H N N 305 
TRP N    N N N 306 
TRP CA   C N S 307 
TRP C    C N N 308 
TRP O    O N N 309 
TRP CB   C N N 310 
TRP CG   C Y N 311 
TRP CD1  C Y N 312 
TRP CD2  C Y N 313 
TRP NE1  N Y N 314 
TRP CE2  C Y N 315 
TRP CE3  C Y N 316 
TRP CZ2  C Y N 317 
TRP CZ3  C Y N 318 
TRP CH2  C Y N 319 
TRP OXT  O N N 320 
TRP H    H N N 321 
TRP H2   H N N 322 
TRP HA   H N N 323 
TRP HB2  H N N 324 
TRP HB3  H N N 325 
TRP HD1  H N N 326 
TRP HE1  H N N 327 
TRP HE3  H N N 328 
TRP HZ2  H N N 329 
TRP HZ3  H N N 330 
TRP HH2  H N N 331 
TRP HXT  H N N 332 
TYR N    N N N 333 
TYR CA   C N S 334 
TYR C    C N N 335 
TYR O    O N N 336 
TYR CB   C N N 337 
TYR CG   C Y N 338 
TYR CD1  C Y N 339 
TYR CD2  C Y N 340 
TYR CE1  C Y N 341 
TYR CE2  C Y N 342 
TYR CZ   C Y N 343 
TYR OH   O N N 344 
TYR OXT  O N N 345 
TYR H    H N N 346 
TYR H2   H N N 347 
TYR HA   H N N 348 
TYR HB2  H N N 349 
TYR HB3  H N N 350 
TYR HD1  H N N 351 
TYR HD2  H N N 352 
TYR HE1  H N N 353 
TYR HE2  H N N 354 
TYR HH   H N N 355 
TYR HXT  H N N 356 
VAL N    N N N 357 
VAL CA   C N S 358 
VAL C    C N N 359 
VAL O    O N N 360 
VAL CB   C N N 361 
VAL CG1  C N N 362 
VAL CG2  C N N 363 
VAL OXT  O N N 364 
VAL H    H N N 365 
VAL H2   H N N 366 
VAL HA   H N N 367 
VAL HB   H N N 368 
VAL HG11 H N N 369 
VAL HG12 H N N 370 
VAL HG13 H N N 371 
VAL HG21 H N N 372 
VAL HG22 H N N 373 
VAL HG23 H N N 374 
VAL HXT  H N N 375 
# 
loop_
_chem_comp_bond.comp_id 
_chem_comp_bond.atom_id_1 
_chem_comp_bond.atom_id_2 
_chem_comp_bond.value_order 
_chem_comp_bond.pdbx_aromatic_flag 
_chem_comp_bond.pdbx_stereo_config 
_chem_comp_bond.pdbx_ordinal 
ALA N   CA   sing N N 1   
ALA N   H    sing N N 2   
ALA N   H2   sing N N 3   
ALA CA  C    sing N N 4   
ALA CA  CB   sing N N 5   
ALA CA  HA   sing N N 6   
ALA C   O    doub N N 7   
ALA C   OXT  sing N N 8   
ALA CB  HB1  sing N N 9   
ALA CB  HB2  sing N N 10  
ALA CB  HB3  sing N N 11  
ALA OXT HXT  sing N N 12  
ARG N   CA   sing N N 13  
ARG N   H    sing N N 14  
ARG N   H2   sing N N 15  
ARG CA  C    sing N N 16  
ARG CA  CB   sing N N 17  
ARG CA  HA   sing N N 18  
ARG C   O    doub N N 19  
ARG C   OXT  sing N N 20  
ARG CB  CG   sing N N 21  
ARG CB  HB2  sing N N 22  
ARG CB  HB3  sing N N 23  
ARG CG  CD   sing N N 24  
ARG CG  HG2  sing N N 25  
ARG CG  HG3  sing N N 26  
ARG CD  NE   sing N N 27  
ARG CD  HD2  sing N N 28  
ARG CD  HD3  sing N N 29  
ARG NE  CZ   sing N N 30  
ARG NE  HE   sing N N 31  
ARG CZ  NH1  sing N N 32  
ARG CZ  NH2  doub N N 33  
ARG NH1 HH11 sing N N 34  
ARG NH1 HH12 sing N N 35  
ARG NH2 HH21 sing N N 36  
ARG NH2 HH22 sing N N 37  
ARG OXT HXT  sing N N 38  
ASN N   CA   sing N N 39  
ASN N   H    sing N N 40  
ASN N   H2   sing N N 41  
ASN CA  C    sing N N 42  
ASN CA  CB   sing N N 43  
ASN CA  HA   sing N N 44  
ASN C   O    doub N N 45  
ASN C   OXT  sing N N 46  
ASN CB  CG   sing N N 47  
ASN CB  HB2  sing N N 48  
ASN CB  HB3  sing N N 49  
ASN CG  OD1  doub N N 50  
ASN CG  ND2  sing N N 51  
ASN ND2 HD21 sing N N 52  
ASN ND2 HD22 sing N N 53  
ASN OXT HXT  sing N N 54  
ASP N   CA   sing N N 55  
ASP N   H    sing N N 56  
ASP N   H2   sing N N 57  
ASP CA  C    sing N N 58  
ASP CA  CB   sing N N 59  
ASP CA  HA   sing N N 60  
ASP C   O    doub N N 61  
ASP C   OXT  sing N N 62  
ASP CB  CG   sing N N 63  
ASP CB  HB2  sing N N 64  
ASP CB  HB3  sing N N 65  
ASP CG  OD1  doub N N 66  
ASP CG  OD2  sing N N 67  
ASP OD2 HD2  sing N N 68  
ASP OXT HXT  sing N N 69  
GLN N   CA   sing N N 70  
GLN N   H    sing N N 71  
GLN N   H2   sing N N 72  
GLN CA  C    sing N N 73  
GLN CA  CB   sing N N 74  
GLN CA  HA   sing N N 75  
GLN C   O    doub N N 76  
GLN C   OXT  sing N N 77  
GLN CB  CG   sing N N 78  
GLN CB  HB2  sing N N 79  
GLN CB  HB3  sing N N 80  
GLN CG  CD   sing N N 81  
GLN CG  HG2  sing N N 82  
GLN CG  HG3  sing N N 83  
GLN CD  OE1  doub N N 84  
GLN CD  NE2  sing N N 85  
GLN NE2 HE21 sing N N 86  
GLN NE2 HE22 sing N N 87  
GLN OXT HXT  sing N N 88  
GLU N   CA   sing N N 89  
GLU N   H    sing N N 90  
GLU N   H2   sing N N 91  
GLU CA  C    sing N N 92  
GLU CA  CB   sing N N 93  
GLU CA  HA   sing N N 94  
GLU C   O    doub N N 95  
GLU C   OXT  sing N N 96  
GLU CB  CG   sing N N 97  
GLU CB  HB2  sing N N 98  
GLU CB  HB3  sing N N 99  
GLU CG  CD   sing N N 100 
GLU CG  HG2  sing N N 101 
GLU CG  HG3  sing N N 102 
GLU CD  OE1  doub N N 103 
GLU CD  OE2  sing N N 104 
GLU OE2 HE2  sing N N 105 
GLU OXT HXT  sing N N 106 
GLY N   CA   sing N N 107 
GLY N   H    sing N N 108 
GLY N   H2   sing N N 109 
GLY CA  C    sing N N 110 
GLY CA  HA2  sing N N 111 
GLY CA  HA3  sing N N 112 
GLY C   O    doub N N 113 
GLY C   OXT  sing N N 114 
GLY OXT HXT  sing N N 115 
GOL C1  O1   sing N N 116 
GOL C1  C2   sing N N 117 
GOL C1  H11  sing N N 118 
GOL C1  H12  sing N N 119 
GOL O1  HO1  sing N N 120 
GOL C2  O2   sing N N 121 
GOL C2  C3   sing N N 122 
GOL C2  H2   sing N N 123 
GOL O2  HO2  sing N N 124 
GOL C3  O3   sing N N 125 
GOL C3  H31  sing N N 126 
GOL C3  H32  sing N N 127 
GOL O3  HO3  sing N N 128 
HIS N   CA   sing N N 129 
HIS N   H    sing N N 130 
HIS N   H2   sing N N 131 
HIS CA  C    sing N N 132 
HIS CA  CB   sing N N 133 
HIS CA  HA   sing N N 134 
HIS C   O    doub N N 135 
HIS C   OXT  sing N N 136 
HIS CB  CG   sing N N 137 
HIS CB  HB2  sing N N 138 
HIS CB  HB3  sing N N 139 
HIS CG  ND1  sing Y N 140 
HIS CG  CD2  doub Y N 141 
HIS ND1 CE1  doub Y N 142 
HIS ND1 HD1  sing N N 143 
HIS CD2 NE2  sing Y N 144 
HIS CD2 HD2  sing N N 145 
HIS CE1 NE2  sing Y N 146 
HIS CE1 HE1  sing N N 147 
HIS NE2 HE2  sing N N 148 
HIS OXT HXT  sing N N 149 
HOH O   H1   sing N N 150 
HOH O   H2   sing N N 151 
ILE N   CA   sing N N 152 
ILE N   H    sing N N 153 
ILE N   H2   sing N N 154 
ILE CA  C    sing N N 155 
ILE CA  CB   sing N N 156 
ILE CA  HA   sing N N 157 
ILE C   O    doub N N 158 
ILE C   OXT  sing N N 159 
ILE CB  CG1  sing N N 160 
ILE CB  CG2  sing N N 161 
ILE CB  HB   sing N N 162 
ILE CG1 CD1  sing N N 163 
ILE CG1 HG12 sing N N 164 
ILE CG1 HG13 sing N N 165 
ILE CG2 HG21 sing N N 166 
ILE CG2 HG22 sing N N 167 
ILE CG2 HG23 sing N N 168 
ILE CD1 HD11 sing N N 169 
ILE CD1 HD12 sing N N 170 
ILE CD1 HD13 sing N N 171 
ILE OXT HXT  sing N N 172 
LEU N   CA   sing N N 173 
LEU N   H    sing N N 174 
LEU N   H2   sing N N 175 
LEU CA  C    sing N N 176 
LEU CA  CB   sing N N 177 
LEU CA  HA   sing N N 178 
LEU C   O    doub N N 179 
LEU C   OXT  sing N N 180 
LEU CB  CG   sing N N 181 
LEU CB  HB2  sing N N 182 
LEU CB  HB3  sing N N 183 
LEU CG  CD1  sing N N 184 
LEU CG  CD2  sing N N 185 
LEU CG  HG   sing N N 186 
LEU CD1 HD11 sing N N 187 
LEU CD1 HD12 sing N N 188 
LEU CD1 HD13 sing N N 189 
LEU CD2 HD21 sing N N 190 
LEU CD2 HD22 sing N N 191 
LEU CD2 HD23 sing N N 192 
LEU OXT HXT  sing N N 193 
LYS N   CA   sing N N 194 
LYS N   H    sing N N 195 
LYS N   H2   sing N N 196 
LYS CA  C    sing N N 197 
LYS CA  CB   sing N N 198 
LYS CA  HA   sing N N 199 
LYS C   O    doub N N 200 
LYS C   OXT  sing N N 201 
LYS CB  CG   sing N N 202 
LYS CB  HB2  sing N N 203 
LYS CB  HB3  sing N N 204 
LYS CG  CD   sing N N 205 
LYS CG  HG2  sing N N 206 
LYS CG  HG3  sing N N 207 
LYS CD  CE   sing N N 208 
LYS CD  HD2  sing N N 209 
LYS CD  HD3  sing N N 210 
LYS CE  NZ   sing N N 211 
LYS CE  HE2  sing N N 212 
LYS CE  HE3  sing N N 213 
LYS NZ  HZ1  sing N N 214 
LYS NZ  HZ2  sing N N 215 
LYS NZ  HZ3  sing N N 216 
LYS OXT HXT  sing N N 217 
PHE N   CA   sing N N 218 
PHE N   H    sing N N 219 
PHE N   H2   sing N N 220 
PHE CA  C    sing N N 221 
PHE CA  CB   sing N N 222 
PHE CA  HA   sing N N 223 
PHE C   O    doub N N 224 
PHE C   OXT  sing N N 225 
PHE CB  CG   sing N N 226 
PHE CB  HB2  sing N N 227 
PHE CB  HB3  sing N N 228 
PHE CG  CD1  doub Y N 229 
PHE CG  CD2  sing Y N 230 
PHE CD1 CE1  sing Y N 231 
PHE CD1 HD1  sing N N 232 
PHE CD2 CE2  doub Y N 233 
PHE CD2 HD2  sing N N 234 
PHE CE1 CZ   doub Y N 235 
PHE CE1 HE1  sing N N 236 
PHE CE2 CZ   sing Y N 237 
PHE CE2 HE2  sing N N 238 
PHE CZ  HZ   sing N N 239 
PHE OXT HXT  sing N N 240 
PRO N   CA   sing N N 241 
PRO N   CD   sing N N 242 
PRO N   H    sing N N 243 
PRO CA  C    sing N N 244 
PRO CA  CB   sing N N 245 
PRO CA  HA   sing N N 246 
PRO C   O    doub N N 247 
PRO C   OXT  sing N N 248 
PRO CB  CG   sing N N 249 
PRO CB  HB2  sing N N 250 
PRO CB  HB3  sing N N 251 
PRO CG  CD   sing N N 252 
PRO CG  HG2  sing N N 253 
PRO CG  HG3  sing N N 254 
PRO CD  HD2  sing N N 255 
PRO CD  HD3  sing N N 256 
PRO OXT HXT  sing N N 257 
SER N   CA   sing N N 258 
SER N   H    sing N N 259 
SER N   H2   sing N N 260 
SER CA  C    sing N N 261 
SER CA  CB   sing N N 262 
SER CA  HA   sing N N 263 
SER C   O    doub N N 264 
SER C   OXT  sing N N 265 
SER CB  OG   sing N N 266 
SER CB  HB2  sing N N 267 
SER CB  HB3  sing N N 268 
SER OG  HG   sing N N 269 
SER OXT HXT  sing N N 270 
SO4 S   O1   doub N N 271 
SO4 S   O2   doub N N 272 
SO4 S   O3   sing N N 273 
SO4 S   O4   sing N N 274 
THR N   CA   sing N N 275 
THR N   H    sing N N 276 
THR N   H2   sing N N 277 
THR CA  C    sing N N 278 
THR CA  CB   sing N N 279 
THR CA  HA   sing N N 280 
THR C   O    doub N N 281 
THR C   OXT  sing N N 282 
THR CB  OG1  sing N N 283 
THR CB  CG2  sing N N 284 
THR CB  HB   sing N N 285 
THR OG1 HG1  sing N N 286 
THR CG2 HG21 sing N N 287 
THR CG2 HG22 sing N N 288 
THR CG2 HG23 sing N N 289 
THR OXT HXT  sing N N 290 
TRP N   CA   sing N N 291 
TRP N   H    sing N N 292 
TRP N   H2   sing N N 293 
TRP CA  C    sing N N 294 
TRP CA  CB   sing N N 295 
TRP CA  HA   sing N N 296 
TRP C   O    doub N N 297 
TRP C   OXT  sing N N 298 
TRP CB  CG   sing N N 299 
TRP CB  HB2  sing N N 300 
TRP CB  HB3  sing N N 301 
TRP CG  CD1  doub Y N 302 
TRP CG  CD2  sing Y N 303 
TRP CD1 NE1  sing Y N 304 
TRP CD1 HD1  sing N N 305 
TRP CD2 CE2  doub Y N 306 
TRP CD2 CE3  sing Y N 307 
TRP NE1 CE2  sing Y N 308 
TRP NE1 HE1  sing N N 309 
TRP CE2 CZ2  sing Y N 310 
TRP CE3 CZ3  doub Y N 311 
TRP CE3 HE3  sing N N 312 
TRP CZ2 CH2  doub Y N 313 
TRP CZ2 HZ2  sing N N 314 
TRP CZ3 CH2  sing Y N 315 
TRP CZ3 HZ3  sing N N 316 
TRP CH2 HH2  sing N N 317 
TRP OXT HXT  sing N N 318 
TYR N   CA   sing N N 319 
TYR N   H    sing N N 320 
TYR N   H2   sing N N 321 
TYR CA  C    sing N N 322 
TYR CA  CB   sing N N 323 
TYR CA  HA   sing N N 324 
TYR C   O    doub N N 325 
TYR C   OXT  sing N N 326 
TYR CB  CG   sing N N 327 
TYR CB  HB2  sing N N 328 
TYR CB  HB3  sing N N 329 
TYR CG  CD1  doub Y N 330 
TYR CG  CD2  sing Y N 331 
TYR CD1 CE1  sing Y N 332 
TYR CD1 HD1  sing N N 333 
TYR CD2 CE2  doub Y N 334 
TYR CD2 HD2  sing N N 335 
TYR CE1 CZ   doub Y N 336 
TYR CE1 HE1  sing N N 337 
TYR CE2 CZ   sing Y N 338 
TYR CE2 HE2  sing N N 339 
TYR CZ  OH   sing N N 340 
TYR OH  HH   sing N N 341 
TYR OXT HXT  sing N N 342 
VAL N   CA   sing N N 343 
VAL N   H    sing N N 344 
VAL N   H2   sing N N 345 
VAL CA  C    sing N N 346 
VAL CA  CB   sing N N 347 
VAL CA  HA   sing N N 348 
VAL C   O    doub N N 349 
VAL C   OXT  sing N N 350 
VAL CB  CG1  sing N N 351 
VAL CB  CG2  sing N N 352 
VAL CB  HB   sing N N 353 
VAL CG1 HG11 sing N N 354 
VAL CG1 HG12 sing N N 355 
VAL CG1 HG13 sing N N 356 
VAL CG2 HG21 sing N N 357 
VAL CG2 HG22 sing N N 358 
VAL CG2 HG23 sing N N 359 
VAL OXT HXT  sing N N 360 
# 
loop_
_pdbx_entity_nonpoly.entity_id 
_pdbx_entity_nonpoly.name 
_pdbx_entity_nonpoly.comp_id 
3 'SULFATE ION' SO4 
4 GLYCEROL      GOL 
5 water         HOH 
# 
_pdbx_initial_refinement_model.id               1 
_pdbx_initial_refinement_model.entity_id_list   ? 
_pdbx_initial_refinement_model.type             'experimental model' 
_pdbx_initial_refinement_model.source_name      PDB 
_pdbx_initial_refinement_model.accession_code   2AK5 
_pdbx_initial_refinement_model.details          'PDB Entry 2AK5' 
# 
